data_8SGG
#
_entry.id   8SGG
#
_cell.length_a   79.794
_cell.length_b   71.463
_cell.length_c   86.451
_cell.angle_alpha   90.00
_cell.angle_beta   107.25
_cell.angle_gamma   90.00
#
_symmetry.space_group_name_H-M   'P 1 21 1'
#
loop_
_entity.id
_entity.type
_entity.pdbx_description
1 polymer 'Cy137D09 Fab heavy chain'
2 polymer 'Cy137D09 Fab light chain'
3 non-polymer GLYCEROL
4 water water
#
loop_
_entity_poly.entity_id
_entity_poly.type
_entity_poly.pdbx_seq_one_letter_code
_entity_poly.pdbx_strand_id
1 'polypeptide(L)'
;QVQLQESGPGLVKPSETLSLTCDVSGGSFSGDFYWSWIRQPPGKGLDWIGNIHGSSAGTKYKPSLKSRVTISKDTSKNQF
SLKLSSVTAADTAVYYCTRGPLSRIVAGFGRGINWFDVWGPGVLVTVSSASTKGPSVFPLAPSSRSTSESTAALGCLVKD
YFPEPVTVSWNSGSLTSGVHTFPAVLQSSGLYSLSSVVTVPSSSLGTQTYVCNVNHKPSNTKVDKRVEIKTC
;
A,C
2 'polypeptide(L)'
;QPVLTQPTSLSASPGASVRLSCTLSSGINVGSYSIFWYQQKPGSPPRYLLFYFSDSSKHQGSGVPSRFSGSKDTSANAGL
LLISGLQSEDEADYYCAIWHSSASVLFGGGTRLTVLGQPKAAPSVTLFPPSSEELQANKATLVCLISDFYPGAVEVAWKA
DGSAVNAGVETTKPSKQSNNKYAASSYLSLTSDQWKSHKSYSCQVTHEGSTVEKTVAPAE
;
B,D
#
loop_
_chem_comp.id
_chem_comp.type
_chem_comp.name
_chem_comp.formula
GOL non-polymer GLYCEROL 'C3 H8 O3'
#
# COMPACT_ATOMS: atom_id res chain seq x y z
N GLN A 1 -6.21 -40.00 -12.23
CA GLN A 1 -6.80 -38.86 -11.54
C GLN A 1 -7.26 -37.79 -12.53
N VAL A 2 -8.46 -37.25 -12.31
CA VAL A 2 -9.01 -36.18 -13.14
C VAL A 2 -8.36 -34.87 -12.68
N GLN A 3 -7.33 -34.43 -13.40
CA GLN A 3 -6.57 -33.24 -13.05
C GLN A 3 -7.04 -32.04 -13.87
N LEU A 4 -7.29 -30.92 -13.19
CA LEU A 4 -7.70 -29.67 -13.81
C LEU A 4 -6.57 -28.66 -13.76
N GLN A 5 -6.57 -27.75 -14.74
CA GLN A 5 -5.55 -26.72 -14.84
C GLN A 5 -6.15 -25.48 -15.50
N GLU A 6 -6.20 -24.38 -14.74
CA GLU A 6 -6.63 -23.08 -15.26
C GLU A 6 -5.52 -22.41 -16.06
N SER A 7 -5.90 -21.77 -17.15
CA SER A 7 -4.97 -20.98 -17.96
C SER A 7 -5.66 -19.70 -18.36
N GLY A 8 -4.86 -18.71 -18.74
CA GLY A 8 -5.37 -17.47 -19.26
C GLY A 8 -4.46 -16.31 -18.92
N PRO A 9 -4.75 -15.14 -19.48
CA PRO A 9 -3.92 -13.96 -19.19
C PRO A 9 -3.96 -13.62 -17.70
N GLY A 10 -2.79 -13.31 -17.15
CA GLY A 10 -2.74 -12.83 -15.78
C GLY A 10 -3.17 -11.40 -15.58
N LEU A 11 -3.30 -10.63 -16.66
CA LEU A 11 -3.63 -9.21 -16.58
C LEU A 11 -4.67 -8.87 -17.62
N VAL A 12 -5.75 -8.22 -17.20
CA VAL A 12 -6.81 -7.81 -18.10
C VAL A 12 -7.14 -6.36 -17.78
N LYS A 13 -7.35 -5.56 -18.82
CA LYS A 13 -7.61 -4.16 -18.57
C LYS A 13 -9.09 -3.95 -18.25
N PRO A 14 -9.43 -2.89 -17.52
CA PRO A 14 -10.84 -2.61 -17.23
C PRO A 14 -11.68 -2.50 -18.50
N SER A 15 -12.92 -2.97 -18.38
CA SER A 15 -13.97 -2.98 -19.41
C SER A 15 -13.72 -4.07 -20.46
N GLU A 16 -12.54 -4.67 -20.46
CA GLU A 16 -12.29 -5.75 -21.38
C GLU A 16 -12.88 -7.06 -20.85
N THR A 17 -12.71 -8.14 -21.62
CA THR A 17 -13.28 -9.44 -21.29
C THR A 17 -12.19 -10.38 -20.79
N LEU A 18 -12.32 -10.81 -19.53
CA LEU A 18 -11.47 -11.85 -18.97
C LEU A 18 -11.85 -13.20 -19.59
N SER A 19 -10.84 -13.96 -20.02
CA SER A 19 -11.05 -15.25 -20.68
C SER A 19 -10.13 -16.29 -20.09
N LEU A 20 -10.69 -17.34 -19.50
CA LEU A 20 -9.90 -18.44 -18.95
C LEU A 20 -10.35 -19.76 -19.54
N THR A 21 -9.48 -20.76 -19.43
CA THR A 21 -9.79 -22.11 -19.85
C THR A 21 -9.32 -23.08 -18.78
N CYS A 22 -10.09 -24.16 -18.57
CA CYS A 22 -9.72 -25.25 -17.67
C CYS A 22 -9.50 -26.48 -18.54
N ASP A 23 -8.26 -26.94 -18.63
CA ASP A 23 -7.98 -28.19 -19.29
C ASP A 23 -8.17 -29.34 -18.29
N VAL A 24 -8.87 -30.38 -18.73
CA VAL A 24 -9.16 -31.56 -17.92
C VAL A 24 -8.37 -32.73 -18.50
N SER A 25 -7.61 -33.41 -17.64
CA SER A 25 -6.86 -34.59 -18.03
C SER A 25 -7.28 -35.76 -17.14
N GLY A 26 -7.00 -36.98 -17.61
CA GLY A 26 -7.31 -38.18 -16.85
C GLY A 26 -8.77 -38.54 -16.75
N GLY A 27 -9.67 -37.71 -17.30
CA GLY A 27 -11.08 -38.01 -17.24
C GLY A 27 -11.84 -37.26 -18.31
N SER A 28 -13.00 -37.81 -18.65
CA SER A 28 -13.86 -37.21 -19.66
C SER A 28 -14.61 -36.01 -19.11
N PHE A 29 -14.96 -35.07 -19.99
CA PHE A 29 -15.77 -33.93 -19.59
C PHE A 29 -17.23 -34.35 -19.37
N SER A 30 -17.75 -35.22 -20.24
CA SER A 30 -19.16 -35.58 -20.17
C SER A 30 -19.40 -36.52 -18.99
N GLY A 31 -20.47 -36.24 -18.25
CA GLY A 31 -20.85 -37.00 -17.09
C GLY A 31 -21.79 -36.21 -16.22
N ASP A 32 -22.59 -36.92 -15.43
CA ASP A 32 -23.58 -36.29 -14.56
C ASP A 32 -22.88 -35.66 -13.36
N PHE A 33 -22.17 -34.56 -13.64
CA PHE A 33 -21.56 -33.71 -12.63
C PHE A 33 -21.39 -32.31 -13.21
N TYR A 34 -21.19 -31.35 -12.33
CA TYR A 34 -21.05 -29.97 -12.75
C TYR A 34 -19.57 -29.58 -12.77
N TRP A 35 -19.19 -28.82 -13.79
CA TRP A 35 -17.89 -28.17 -13.87
C TRP A 35 -18.09 -26.71 -13.53
N SER A 36 -17.34 -26.20 -12.56
CA SER A 36 -17.68 -24.94 -11.93
C SER A 36 -16.48 -23.98 -11.97
N TRP A 37 -16.78 -22.69 -11.89
CA TRP A 37 -15.78 -21.64 -11.75
C TRP A 37 -16.02 -20.94 -10.42
N ILE A 38 -14.98 -20.84 -9.61
CA ILE A 38 -15.03 -20.17 -8.33
C ILE A 38 -13.84 -19.24 -8.28
N ARG A 39 -14.00 -18.09 -7.64
CA ARG A 39 -12.90 -17.12 -7.55
C ARG A 39 -12.73 -16.66 -6.12
N GLN A 40 -11.53 -16.16 -5.83
CA GLN A 40 -11.18 -15.72 -4.50
C GLN A 40 -10.27 -14.50 -4.61
N PRO A 41 -10.75 -13.31 -4.25
CA PRO A 41 -9.87 -12.16 -4.23
C PRO A 41 -8.74 -12.41 -3.24
N PRO A 42 -7.56 -11.86 -3.48
CA PRO A 42 -6.42 -12.12 -2.58
C PRO A 42 -6.76 -11.85 -1.12
N GLY A 43 -6.63 -12.87 -0.27
CA GLY A 43 -7.04 -12.71 1.15
C GLY A 43 -8.55 -12.79 1.29
N LYS A 44 -9.30 -12.44 0.24
CA LYS A 44 -10.79 -12.49 0.25
C LYS A 44 -11.29 -13.94 0.17
N GLY A 45 -12.55 -14.20 0.58
CA GLY A 45 -13.12 -15.57 0.59
C GLY A 45 -13.49 -16.14 -0.77
N LEU A 46 -14.43 -17.11 -0.81
CA LEU A 46 -14.81 -17.81 -2.02
C LEU A 46 -16.10 -17.24 -2.61
N ASP A 47 -16.12 -17.16 -3.94
CA ASP A 47 -17.30 -16.61 -4.66
C ASP A 47 -17.58 -17.48 -5.88
N TRP A 48 -18.76 -18.08 -5.95
CA TRP A 48 -19.16 -18.93 -7.07
C TRP A 48 -19.62 -18.08 -8.26
N ILE A 49 -19.03 -18.34 -9.42
CA ILE A 49 -19.36 -17.64 -10.68
C ILE A 49 -20.45 -18.39 -11.46
N GLY A 50 -20.24 -19.67 -11.75
CA GLY A 50 -21.23 -20.41 -12.50
C GLY A 50 -20.72 -21.80 -12.79
N ASN A 51 -21.57 -22.58 -13.48
CA ASN A 51 -21.15 -23.92 -13.83
C ASN A 51 -21.71 -24.31 -15.18
N ILE A 52 -21.23 -25.45 -15.68
CA ILE A 52 -21.78 -26.12 -16.85
C ILE A 52 -21.86 -27.61 -16.53
N HIS A 53 -23.00 -28.22 -16.83
CA HIS A 53 -23.18 -29.64 -16.57
C HIS A 53 -22.45 -30.46 -17.63
N GLY A 54 -21.89 -31.58 -17.21
CA GLY A 54 -21.01 -32.35 -18.09
C GLY A 54 -21.73 -32.97 -19.26
N SER A 55 -22.88 -33.60 -19.02
CA SER A 55 -23.54 -34.30 -20.11
C SER A 55 -24.61 -33.46 -20.81
N SER A 56 -25.17 -32.45 -20.15
CA SER A 56 -26.24 -31.64 -20.72
C SER A 56 -25.75 -30.32 -21.30
N ALA A 57 -24.54 -29.91 -20.95
CA ALA A 57 -23.96 -28.63 -21.34
C ALA A 57 -24.79 -27.43 -20.88
N GLY A 58 -25.82 -27.66 -20.07
CA GLY A 58 -26.58 -26.55 -19.55
C GLY A 58 -25.75 -25.70 -18.62
N THR A 59 -26.13 -24.43 -18.49
CA THR A 59 -25.36 -23.50 -17.68
C THR A 59 -26.21 -22.92 -16.57
N LYS A 60 -25.53 -22.59 -15.47
CA LYS A 60 -26.11 -21.84 -14.36
C LYS A 60 -25.08 -20.83 -13.92
N TYR A 61 -25.52 -19.58 -13.73
CA TYR A 61 -24.60 -18.50 -13.39
C TYR A 61 -25.05 -17.80 -12.10
N LYS A 62 -24.12 -17.04 -11.50
CA LYS A 62 -24.47 -16.20 -10.38
C LYS A 62 -25.41 -15.10 -10.87
N PRO A 63 -26.56 -14.89 -10.22
CA PRO A 63 -27.51 -13.88 -10.71
C PRO A 63 -26.92 -12.48 -10.86
N SER A 64 -26.00 -12.08 -9.99
CA SER A 64 -25.40 -10.76 -10.10
C SER A 64 -24.38 -10.66 -11.23
N LEU A 65 -24.15 -11.74 -11.98
CA LEU A 65 -23.19 -11.77 -13.07
C LEU A 65 -23.75 -12.26 -14.39
N LYS A 66 -25.04 -12.61 -14.46
CA LYS A 66 -25.59 -13.33 -15.62
C LYS A 66 -25.35 -12.59 -16.92
N SER A 67 -25.54 -11.26 -16.90
CA SER A 67 -25.31 -10.47 -18.09
C SER A 67 -23.85 -10.49 -18.54
N ARG A 68 -22.92 -10.76 -17.64
CA ARG A 68 -21.50 -10.61 -17.93
C ARG A 68 -20.78 -11.92 -18.21
N VAL A 69 -21.41 -13.08 -18.00
CA VAL A 69 -20.66 -14.33 -17.87
C VAL A 69 -21.13 -15.32 -18.93
N THR A 70 -20.16 -16.06 -19.48
CA THR A 70 -20.41 -17.11 -20.45
C THR A 70 -19.50 -18.26 -20.09
N ILE A 71 -20.07 -19.43 -19.84
CA ILE A 71 -19.29 -20.64 -19.61
C ILE A 71 -19.58 -21.59 -20.76
N SER A 72 -18.51 -21.94 -21.47
CA SER A 72 -18.64 -22.76 -22.68
C SER A 72 -17.71 -23.96 -22.59
N LYS A 73 -17.84 -24.84 -23.57
CA LYS A 73 -17.14 -26.14 -23.59
C LYS A 73 -16.51 -26.46 -24.94
N ASP A 74 -15.44 -27.24 -24.93
CA ASP A 74 -14.76 -27.74 -26.16
C ASP A 74 -14.48 -29.25 -26.01
N THR A 75 -15.41 -30.10 -26.49
CA THR A 75 -15.31 -31.58 -26.37
C THR A 75 -14.14 -32.11 -27.19
N SER A 76 -13.88 -31.49 -28.34
CA SER A 76 -12.73 -31.89 -29.18
C SER A 76 -11.46 -31.66 -28.36
N LYS A 77 -11.36 -30.53 -27.65
CA LYS A 77 -10.16 -30.24 -26.82
C LYS A 77 -10.28 -30.76 -25.38
N ASN A 78 -11.46 -31.19 -24.93
CA ASN A 78 -11.66 -31.66 -23.53
C ASN A 78 -11.32 -30.54 -22.53
N GLN A 79 -11.85 -29.36 -22.77
CA GLN A 79 -11.59 -28.25 -21.84
C GLN A 79 -12.80 -27.33 -21.86
N PHE A 80 -13.08 -26.67 -20.75
CA PHE A 80 -14.17 -25.67 -20.73
C PHE A 80 -13.54 -24.29 -20.50
N SER A 81 -14.34 -23.26 -20.64
CA SER A 81 -13.80 -21.92 -20.60
C SER A 81 -14.74 -21.02 -19.83
N LEU A 82 -14.19 -19.88 -19.41
CA LEU A 82 -14.95 -18.86 -18.70
C LEU A 82 -14.66 -17.52 -19.35
N LYS A 83 -15.72 -16.75 -19.58
CA LYS A 83 -15.60 -15.42 -20.15
C LYS A 83 -16.45 -14.48 -19.30
N LEU A 84 -15.80 -13.43 -18.79
CA LEU A 84 -16.40 -12.44 -17.92
C LEU A 84 -16.16 -11.08 -18.53
N SER A 85 -17.24 -10.44 -19.00
CA SER A 85 -17.10 -9.19 -19.76
C SER A 85 -17.11 -7.99 -18.82
N SER A 86 -16.71 -6.84 -19.37
CA SER A 86 -16.75 -5.55 -18.66
C SER A 86 -16.20 -5.66 -17.24
N VAL A 87 -14.98 -6.15 -17.13
CA VAL A 87 -14.41 -6.38 -15.81
C VAL A 87 -13.98 -5.06 -15.18
N THR A 88 -13.79 -5.08 -13.86
CA THR A 88 -13.22 -3.98 -13.10
C THR A 88 -12.26 -4.56 -12.07
N ALA A 89 -11.71 -3.67 -11.24
CA ALA A 89 -10.79 -4.15 -10.21
C ALA A 89 -11.50 -5.09 -9.25
N ALA A 90 -12.83 -5.00 -9.14
CA ALA A 90 -13.60 -5.93 -8.31
C ALA A 90 -13.54 -7.36 -8.82
N ASP A 91 -13.04 -7.57 -10.03
CA ASP A 91 -12.90 -8.92 -10.56
C ASP A 91 -11.47 -9.45 -10.42
N THR A 92 -10.59 -8.74 -9.71
CA THR A 92 -9.26 -9.27 -9.42
C THR A 92 -9.38 -10.45 -8.44
N ALA A 93 -8.90 -11.63 -8.84
CA ALA A 93 -9.00 -12.79 -7.95
C ALA A 93 -8.13 -13.93 -8.47
N VAL A 94 -7.92 -14.92 -7.62
CA VAL A 94 -7.50 -16.22 -8.12
C VAL A 94 -8.76 -16.97 -8.56
N TYR A 95 -8.72 -17.54 -9.76
CA TYR A 95 -9.85 -18.22 -10.37
C TYR A 95 -9.57 -19.71 -10.42
N TYR A 96 -10.52 -20.50 -9.92
CA TYR A 96 -10.42 -21.96 -9.86
C TYR A 96 -11.49 -22.59 -10.74
N CYS A 97 -11.13 -23.69 -11.38
CA CYS A 97 -12.12 -24.59 -11.96
C CYS A 97 -12.24 -25.82 -11.05
N THR A 98 -13.47 -26.36 -10.96
CA THR A 98 -13.75 -27.51 -10.10
C THR A 98 -14.65 -28.54 -10.77
N ARG A 99 -14.61 -29.76 -10.22
CA ARG A 99 -15.52 -30.83 -10.74
C ARG A 99 -16.26 -31.49 -9.57
N GLY A 100 -17.56 -31.67 -9.72
CA GLY A 100 -18.41 -32.29 -8.73
C GLY A 100 -18.10 -33.76 -8.70
N PRO A 101 -18.72 -34.46 -7.77
CA PRO A 101 -18.55 -35.91 -7.69
C PRO A 101 -19.37 -36.62 -8.74
N LEU A 102 -19.10 -37.91 -8.89
CA LEU A 102 -19.86 -38.77 -9.83
C LEU A 102 -21.30 -38.96 -9.30
N SER A 103 -22.21 -39.35 -10.19
CA SER A 103 -23.64 -39.54 -9.79
C SER A 103 -23.77 -40.59 -8.67
N ARG A 104 -22.95 -41.64 -8.69
CA ARG A 104 -23.05 -42.72 -7.67
C ARG A 104 -22.96 -42.14 -6.24
N ILE A 105 -22.17 -41.08 -6.03
CA ILE A 105 -21.98 -40.52 -4.65
C ILE A 105 -23.20 -39.73 -4.20
N VAL A 106 -23.90 -39.10 -5.15
CA VAL A 106 -25.14 -38.30 -4.94
C VAL A 106 -26.34 -39.19 -5.20
N ALA A 107 -26.71 -39.98 -4.19
CA ALA A 107 -27.90 -40.86 -4.29
C ALA A 107 -29.11 -40.10 -3.73
N GLY A 108 -29.84 -39.39 -4.59
CA GLY A 108 -30.99 -38.58 -4.15
C GLY A 108 -30.55 -37.22 -3.65
N PHE A 109 -29.24 -36.94 -3.68
CA PHE A 109 -28.75 -35.58 -3.34
C PHE A 109 -29.08 -34.66 -4.52
N GLY A 110 -29.12 -33.35 -4.32
CA GLY A 110 -29.56 -32.50 -5.45
C GLY A 110 -28.43 -32.19 -6.42
N ARG A 111 -27.99 -33.19 -7.20
CA ARG A 111 -27.01 -32.96 -8.30
C ARG A 111 -25.59 -32.65 -7.80
N GLY A 112 -25.40 -32.42 -6.49
CA GLY A 112 -24.05 -32.04 -6.02
C GLY A 112 -23.58 -30.78 -6.71
N ILE A 113 -24.49 -29.83 -6.96
CA ILE A 113 -24.14 -28.57 -7.68
C ILE A 113 -23.13 -27.79 -6.85
N ASN A 114 -23.33 -27.73 -5.53
CA ASN A 114 -22.40 -27.01 -4.67
C ASN A 114 -21.37 -27.94 -4.03
N TRP A 115 -21.18 -29.13 -4.60
CA TRP A 115 -20.16 -30.07 -4.17
C TRP A 115 -18.98 -29.91 -5.13
N PHE A 116 -17.90 -29.33 -4.63
CA PHE A 116 -16.68 -29.11 -5.41
C PHE A 116 -15.62 -30.09 -4.91
N ASP A 117 -15.52 -31.25 -5.58
CA ASP A 117 -14.68 -32.31 -5.02
C ASP A 117 -13.24 -32.23 -5.49
N VAL A 118 -12.99 -31.93 -6.75
CA VAL A 118 -11.63 -31.76 -7.25
C VAL A 118 -11.44 -30.33 -7.74
N TRP A 119 -10.30 -29.74 -7.40
CA TRP A 119 -9.99 -28.36 -7.72
C TRP A 119 -8.75 -28.28 -8.61
N GLY A 120 -8.72 -27.27 -9.46
CA GLY A 120 -7.49 -26.86 -10.08
C GLY A 120 -6.62 -26.10 -9.11
N PRO A 121 -5.37 -25.86 -9.50
CA PRO A 121 -4.48 -25.07 -8.65
C PRO A 121 -4.84 -23.59 -8.62
N GLY A 122 -5.57 -23.08 -9.62
CA GLY A 122 -5.96 -21.69 -9.68
C GLY A 122 -4.97 -20.75 -10.36
N VAL A 123 -5.45 -19.78 -11.13
CA VAL A 123 -4.60 -18.75 -11.72
C VAL A 123 -5.06 -17.40 -11.23
N LEU A 124 -4.09 -16.53 -10.92
CA LEU A 124 -4.38 -15.16 -10.51
C LEU A 124 -4.67 -14.33 -11.76
N VAL A 125 -5.75 -13.57 -11.72
CA VAL A 125 -6.06 -12.59 -12.75
C VAL A 125 -6.13 -11.23 -12.08
N THR A 126 -5.25 -10.33 -12.48
CA THR A 126 -5.27 -8.95 -12.01
C THR A 126 -5.99 -8.09 -13.04
N VAL A 127 -7.06 -7.41 -12.63
CA VAL A 127 -7.70 -6.44 -13.52
C VAL A 127 -7.14 -5.09 -13.13
N SER A 128 -6.32 -4.51 -14.02
CA SER A 128 -5.70 -3.22 -13.73
C SER A 128 -5.44 -2.50 -15.04
N SER A 129 -5.44 -1.18 -14.99
CA SER A 129 -5.13 -0.36 -16.16
C SER A 129 -3.64 -0.12 -16.33
N ALA A 130 -2.82 -0.59 -15.40
CA ALA A 130 -1.38 -0.39 -15.49
C ALA A 130 -0.75 -1.41 -16.42
N SER A 131 0.38 -1.03 -17.00
CA SER A 131 1.06 -1.87 -17.96
C SER A 131 1.82 -3.00 -17.28
N THR A 132 2.03 -4.07 -18.03
CA THR A 132 2.94 -5.12 -17.59
C THR A 132 4.37 -4.59 -17.56
N LYS A 133 5.14 -5.05 -16.57
CA LYS A 133 6.53 -4.64 -16.43
C LYS A 133 7.34 -5.82 -15.93
N GLY A 134 8.37 -6.21 -16.68
CA GLY A 134 9.26 -7.27 -16.25
C GLY A 134 10.12 -6.80 -15.08
N PRO A 135 10.71 -7.74 -14.35
CA PRO A 135 11.52 -7.40 -13.18
C PRO A 135 12.98 -7.12 -13.51
N SER A 136 13.62 -6.36 -12.64
CA SER A 136 15.06 -6.25 -12.61
C SER A 136 15.56 -7.12 -11.47
N VAL A 137 16.46 -8.05 -11.76
CA VAL A 137 16.88 -9.05 -10.81
C VAL A 137 18.28 -8.72 -10.34
N PHE A 138 18.42 -8.44 -9.04
CA PHE A 138 19.68 -8.07 -8.48
C PHE A 138 20.13 -9.11 -7.47
N PRO A 139 21.42 -9.42 -7.43
CA PRO A 139 21.90 -10.40 -6.47
C PRO A 139 21.90 -9.81 -5.08
N LEU A 140 21.60 -10.67 -4.11
CA LEU A 140 21.71 -10.39 -2.69
C LEU A 140 22.88 -11.22 -2.20
N ALA A 141 24.07 -10.61 -2.20
CA ALA A 141 25.32 -11.32 -1.99
C ALA A 141 25.56 -11.52 -0.49
N PRO A 142 25.96 -12.73 -0.09
CA PRO A 142 26.17 -13.02 1.34
C PRO A 142 27.23 -12.13 1.96
N SER A 143 26.79 -11.15 2.76
CA SER A 143 27.68 -10.26 3.51
C SER A 143 28.79 -9.67 2.64
N THR A 147 32.20 -10.32 8.25
CA THR A 147 32.58 -11.63 8.77
C THR A 147 31.40 -12.58 8.68
N SER A 148 31.66 -13.77 8.17
CA SER A 148 30.59 -14.70 7.85
C SER A 148 30.33 -15.65 9.01
N GLU A 149 29.06 -15.95 9.22
CA GLU A 149 28.62 -16.94 10.20
C GLU A 149 28.68 -18.33 9.59
N SER A 150 28.40 -19.36 10.41
CA SER A 150 28.44 -20.74 9.94
C SER A 150 27.44 -20.99 8.82
N THR A 151 26.33 -20.26 8.78
CA THR A 151 25.41 -20.29 7.65
C THR A 151 25.43 -18.94 6.98
N ALA A 152 25.33 -18.95 5.66
CA ALA A 152 25.36 -17.76 4.84
C ALA A 152 24.10 -17.70 4.01
N ALA A 153 23.52 -16.52 3.90
CA ALA A 153 22.30 -16.30 3.16
C ALA A 153 22.64 -15.57 1.88
N LEU A 154 22.19 -16.09 0.75
CA LEU A 154 22.34 -15.38 -0.51
C LEU A 154 20.99 -15.37 -1.21
N GLY A 155 20.80 -14.43 -2.11
CA GLY A 155 19.48 -14.37 -2.71
C GLY A 155 19.41 -13.53 -3.95
N CYS A 156 18.19 -13.34 -4.42
CA CYS A 156 17.91 -12.49 -5.57
C CYS A 156 16.78 -11.56 -5.21
N LEU A 157 16.95 -10.29 -5.53
CA LEU A 157 15.87 -9.31 -5.38
C LEU A 157 15.20 -9.17 -6.74
N VAL A 158 13.89 -9.41 -6.79
CA VAL A 158 13.13 -9.30 -8.03
C VAL A 158 12.36 -7.99 -7.96
N LYS A 159 12.88 -6.96 -8.61
CA LYS A 159 12.51 -5.57 -8.30
C LYS A 159 11.65 -4.98 -9.41
N ASP A 160 10.54 -4.34 -9.00
CA ASP A 160 9.74 -3.45 -9.84
C ASP A 160 9.12 -4.16 -11.03
N TYR A 161 8.31 -5.18 -10.74
CA TYR A 161 7.57 -5.89 -11.77
C TYR A 161 6.07 -5.71 -11.59
N PHE A 162 5.34 -5.94 -12.68
CA PHE A 162 3.89 -5.91 -12.64
C PHE A 162 3.35 -6.77 -13.76
N PRO A 163 2.27 -7.56 -13.53
CA PRO A 163 1.65 -7.86 -12.24
C PRO A 163 2.27 -9.06 -11.57
N GLU A 164 1.66 -9.49 -10.47
CA GLU A 164 1.91 -10.78 -9.88
C GLU A 164 1.45 -11.88 -10.83
N PRO A 165 2.02 -13.10 -10.73
CA PRO A 165 3.03 -13.49 -9.76
C PRO A 165 4.41 -13.73 -10.37
N VAL A 166 5.38 -13.95 -9.50
CA VAL A 166 6.72 -14.35 -9.88
C VAL A 166 7.05 -15.61 -9.09
N THR A 167 7.62 -16.60 -9.75
CA THR A 167 8.15 -17.77 -9.07
C THR A 167 9.67 -17.74 -9.15
N VAL A 168 10.32 -18.34 -8.15
CA VAL A 168 11.77 -18.39 -8.11
C VAL A 168 12.17 -19.81 -7.73
N SER A 169 12.98 -20.43 -8.57
CA SER A 169 13.66 -21.66 -8.19
C SER A 169 15.15 -21.33 -8.02
N TRP A 170 15.89 -22.32 -7.52
CA TRP A 170 17.33 -22.18 -7.33
C TRP A 170 18.02 -23.37 -7.98
N ASN A 171 19.03 -23.10 -8.79
CA ASN A 171 19.78 -24.12 -9.53
C ASN A 171 18.84 -25.05 -10.29
N SER A 172 17.95 -24.45 -11.07
CA SER A 172 17.05 -25.18 -11.95
C SER A 172 16.23 -26.23 -11.19
N GLY A 173 15.97 -25.95 -9.91
CA GLY A 173 15.22 -26.84 -9.06
C GLY A 173 16.05 -27.85 -8.28
N SER A 174 17.34 -27.98 -8.57
CA SER A 174 18.22 -28.86 -7.83
C SER A 174 18.32 -28.50 -6.35
N LEU A 175 17.95 -27.28 -5.97
CA LEU A 175 18.19 -26.76 -4.63
C LEU A 175 16.86 -26.32 -4.02
N THR A 176 16.42 -27.05 -3.02
CA THR A 176 15.16 -26.75 -2.35
C THR A 176 15.32 -26.51 -0.87
N SER A 177 16.17 -27.30 -0.22
CA SER A 177 16.38 -27.16 1.21
C SER A 177 16.98 -25.80 1.53
N GLY A 178 16.41 -25.12 2.51
CA GLY A 178 16.86 -23.80 2.88
C GLY A 178 16.42 -22.67 1.97
N VAL A 179 15.48 -22.90 1.06
CA VAL A 179 15.01 -21.85 0.17
C VAL A 179 13.82 -21.15 0.81
N HIS A 180 13.84 -19.82 0.81
CA HIS A 180 12.74 -19.02 1.35
C HIS A 180 12.44 -17.89 0.37
N THR A 181 11.31 -17.99 -0.33
CA THR A 181 10.85 -16.93 -1.23
C THR A 181 9.77 -16.13 -0.50
N PHE A 182 9.97 -14.80 -0.39
CA PHE A 182 9.07 -14.04 0.46
C PHE A 182 7.92 -13.44 -0.36
N PRO A 183 6.73 -13.35 0.21
CA PRO A 183 5.65 -12.61 -0.46
C PRO A 183 6.08 -11.20 -0.83
N ALA A 184 5.62 -10.75 -1.99
CA ALA A 184 6.05 -9.46 -2.51
C ALA A 184 5.53 -8.30 -1.68
N VAL A 185 6.27 -7.19 -1.70
CA VAL A 185 5.75 -5.90 -1.27
C VAL A 185 5.22 -5.20 -2.50
N LEU A 186 4.19 -4.37 -2.33
CA LEU A 186 3.69 -3.50 -3.39
C LEU A 186 3.96 -2.06 -2.99
N GLN A 187 4.64 -1.33 -3.86
CA GLN A 187 5.04 0.04 -3.58
C GLN A 187 3.94 1.02 -3.96
N SER A 188 4.05 2.25 -3.45
CA SER A 188 3.09 3.29 -3.84
C SER A 188 3.10 3.52 -5.34
N SER A 189 4.20 3.21 -6.02
CA SER A 189 4.33 3.34 -7.46
C SER A 189 3.48 2.33 -8.24
N GLY A 190 2.90 1.36 -7.55
CA GLY A 190 2.15 0.34 -8.24
C GLY A 190 2.97 -0.85 -8.68
N LEU A 191 4.26 -0.88 -8.38
CA LEU A 191 5.14 -1.96 -8.81
C LEU A 191 5.49 -2.88 -7.64
N TYR A 192 5.63 -4.16 -7.93
CA TYR A 192 5.92 -5.18 -6.94
C TYR A 192 7.42 -5.44 -6.82
N SER A 193 7.84 -5.90 -5.64
CA SER A 193 9.19 -6.39 -5.46
C SER A 193 9.11 -7.58 -4.51
N LEU A 194 9.97 -8.59 -4.72
CA LEU A 194 10.07 -9.68 -3.77
C LEU A 194 11.51 -10.18 -3.69
N SER A 195 11.78 -10.97 -2.66
CA SER A 195 13.10 -11.56 -2.50
C SER A 195 13.00 -13.04 -2.23
N SER A 196 13.97 -13.77 -2.76
CA SER A 196 14.12 -15.20 -2.53
C SER A 196 15.55 -15.43 -2.07
N VAL A 197 15.70 -16.03 -0.90
CA VAL A 197 17.00 -16.33 -0.31
C VAL A 197 17.11 -17.83 -0.12
N VAL A 198 18.31 -18.34 -0.29
CA VAL A 198 18.64 -19.69 0.13
C VAL A 198 19.72 -19.56 1.19
N THR A 199 19.59 -20.34 2.26
CA THR A 199 20.54 -20.33 3.36
C THR A 199 21.39 -21.59 3.27
N VAL A 200 22.71 -21.41 3.12
CA VAL A 200 23.60 -22.55 2.88
C VAL A 200 24.73 -22.55 3.91
N PRO A 201 25.34 -23.70 4.21
CA PRO A 201 26.49 -23.70 5.11
C PRO A 201 27.65 -22.90 4.51
N SER A 202 28.46 -22.32 5.38
CA SER A 202 29.61 -21.51 4.89
C SER A 202 30.42 -22.31 3.86
N SER A 203 30.69 -23.58 4.17
CA SER A 203 31.53 -24.38 3.27
C SER A 203 31.05 -24.29 1.83
N SER A 204 29.74 -24.28 1.62
CA SER A 204 29.16 -24.34 0.28
C SER A 204 29.55 -23.17 -0.61
N LEU A 205 30.06 -22.08 -0.03
CA LEU A 205 30.35 -20.90 -0.83
C LEU A 205 31.61 -21.06 -1.67
N GLY A 206 32.46 -22.04 -1.36
CA GLY A 206 33.69 -22.21 -2.10
C GLY A 206 33.61 -23.34 -3.08
N THR A 207 32.53 -24.11 -2.99
CA THR A 207 32.34 -25.30 -3.81
C THR A 207 31.17 -25.18 -4.76
N GLN A 208 30.07 -24.55 -4.36
CA GLN A 208 28.82 -24.62 -5.08
C GLN A 208 28.52 -23.29 -5.76
N THR A 209 27.99 -23.36 -6.98
CA THR A 209 27.44 -22.19 -7.64
C THR A 209 25.97 -22.05 -7.28
N TYR A 210 25.47 -20.82 -7.31
CA TYR A 210 24.10 -20.51 -6.90
C TYR A 210 23.48 -19.60 -7.95
N VAL A 211 22.37 -20.06 -8.54
CA VAL A 211 21.68 -19.33 -9.61
C VAL A 211 20.21 -19.27 -9.23
N CYS A 212 19.64 -18.07 -9.10
CA CYS A 212 18.20 -18.00 -8.95
C CYS A 212 17.56 -17.97 -10.32
N ASN A 213 16.45 -18.68 -10.48
CA ASN A 213 15.70 -18.73 -11.75
C ASN A 213 14.39 -18.00 -11.49
N VAL A 214 14.25 -16.83 -12.08
CA VAL A 214 13.10 -15.97 -11.86
C VAL A 214 12.17 -16.10 -13.05
N ASN A 215 10.91 -16.42 -12.80
CA ASN A 215 9.91 -16.58 -13.85
C ASN A 215 8.81 -15.56 -13.62
N HIS A 216 8.70 -14.59 -14.52
CA HIS A 216 7.60 -13.63 -14.52
C HIS A 216 6.80 -13.91 -15.79
N LYS A 217 5.81 -14.80 -15.67
CA LYS A 217 5.05 -15.18 -16.86
C LYS A 217 4.32 -14.03 -17.54
N PRO A 218 3.73 -13.05 -16.83
CA PRO A 218 2.99 -11.99 -17.54
C PRO A 218 3.83 -11.18 -18.51
N SER A 219 5.12 -10.99 -18.25
CA SER A 219 5.99 -10.30 -19.21
C SER A 219 6.77 -11.28 -20.07
N ASN A 220 6.44 -12.58 -20.00
CA ASN A 220 7.13 -13.61 -20.78
C ASN A 220 8.64 -13.55 -20.60
N THR A 221 9.06 -13.30 -19.36
CA THR A 221 10.46 -13.11 -19.02
C THR A 221 10.90 -14.15 -18.00
N LYS A 222 12.08 -14.73 -18.23
CA LYS A 222 12.78 -15.51 -17.25
C LYS A 222 14.20 -14.97 -17.12
N VAL A 223 14.71 -14.89 -15.90
CA VAL A 223 16.07 -14.44 -15.65
C VAL A 223 16.78 -15.47 -14.77
N ASP A 224 17.97 -15.85 -15.18
CA ASP A 224 18.85 -16.72 -14.38
C ASP A 224 20.02 -15.85 -13.92
N LYS A 225 20.11 -15.62 -12.63
CA LYS A 225 21.15 -14.72 -12.08
C LYS A 225 22.05 -15.48 -11.10
N ARG A 226 23.34 -15.48 -11.36
CA ARG A 226 24.33 -16.12 -10.45
C ARG A 226 24.60 -15.14 -9.32
N VAL A 227 24.45 -15.58 -8.06
CA VAL A 227 24.70 -14.81 -6.88
C VAL A 227 26.14 -15.09 -6.49
N GLU A 228 27.01 -14.17 -6.86
CA GLU A 228 28.44 -14.28 -6.58
C GLU A 228 28.77 -13.62 -5.24
N ILE A 229 30.00 -13.80 -4.82
CA ILE A 229 30.44 -13.39 -3.49
C ILE A 229 31.38 -12.21 -3.68
N LYS A 230 30.89 -11.01 -3.37
CA LYS A 230 31.72 -9.81 -3.29
C LYS A 230 30.95 -8.65 -2.69
N GLN B 1 -32.89 -12.07 -0.64
CA GLN B 1 -31.46 -11.86 -0.43
C GLN B 1 -30.90 -12.72 0.69
N PRO B 2 -30.83 -14.04 0.47
CA PRO B 2 -30.32 -14.93 1.51
C PRO B 2 -28.80 -14.90 1.57
N VAL B 3 -28.27 -14.95 2.79
CA VAL B 3 -26.83 -14.91 3.01
C VAL B 3 -26.45 -15.89 4.13
N LEU B 4 -25.23 -16.44 4.04
CA LEU B 4 -24.69 -17.30 5.07
C LEU B 4 -23.73 -16.49 5.95
N THR B 5 -23.87 -16.62 7.26
CA THR B 5 -23.05 -15.91 8.23
C THR B 5 -22.11 -16.89 8.93
N GLN B 6 -20.81 -16.59 8.89
CA GLN B 6 -19.85 -17.34 9.67
C GLN B 6 -19.06 -16.38 10.56
N PRO B 7 -18.70 -16.78 11.77
CA PRO B 7 -17.82 -15.93 12.58
C PRO B 7 -16.48 -15.81 11.88
N THR B 8 -15.99 -14.57 11.79
CA THR B 8 -14.80 -14.32 10.98
C THR B 8 -13.59 -15.04 11.57
N SER B 9 -13.50 -15.13 12.90
CA SER B 9 -12.34 -15.72 13.54
C SER B 9 -12.77 -16.52 14.76
N LEU B 10 -12.05 -17.60 15.02
CA LEU B 10 -12.29 -18.41 16.19
C LEU B 10 -10.95 -18.92 16.67
N SER B 11 -10.75 -18.89 17.98
CA SER B 11 -9.56 -19.42 18.62
C SER B 11 -9.95 -20.47 19.64
N ALA B 12 -9.18 -21.56 19.68
CA ALA B 12 -9.42 -22.64 20.62
C ALA B 12 -8.11 -23.36 20.90
N SER B 13 -8.02 -23.95 22.09
CA SER B 13 -6.81 -24.63 22.55
C SER B 13 -6.71 -26.04 21.99
N PRO B 14 -5.50 -26.59 21.89
CA PRO B 14 -5.35 -27.95 21.38
C PRO B 14 -6.07 -28.95 22.27
N GLY B 15 -6.64 -29.95 21.60
CA GLY B 15 -7.40 -31.02 22.24
C GLY B 15 -8.83 -30.63 22.48
N ALA B 16 -9.18 -29.38 22.24
CA ALA B 16 -10.57 -28.96 22.48
C ALA B 16 -11.51 -29.40 21.35
N SER B 17 -12.79 -29.35 21.64
CA SER B 17 -13.79 -29.69 20.62
C SER B 17 -14.44 -28.37 20.20
N VAL B 18 -14.47 -28.10 18.91
CA VAL B 18 -14.98 -26.76 18.52
C VAL B 18 -16.16 -26.88 17.59
N ARG B 19 -17.00 -25.86 17.64
CA ARG B 19 -18.22 -25.76 16.83
C ARG B 19 -18.14 -24.53 15.93
N LEU B 20 -18.05 -24.75 14.63
CA LEU B 20 -17.99 -23.64 13.66
C LEU B 20 -19.38 -23.50 13.08
N SER B 21 -19.96 -22.34 13.21
CA SER B 21 -21.34 -22.16 12.73
C SER B 21 -21.44 -21.36 11.43
N CYS B 22 -22.39 -21.77 10.62
CA CYS B 22 -22.75 -21.21 9.33
C CYS B 22 -24.23 -20.91 9.42
N THR B 23 -24.57 -19.73 9.88
CA THR B 23 -25.99 -19.39 10.12
C THR B 23 -26.66 -18.83 8.88
N LEU B 24 -27.78 -19.45 8.54
CA LEU B 24 -28.62 -19.08 7.39
C LEU B 24 -29.49 -17.89 7.78
N SER B 25 -29.83 -17.05 6.81
CA SER B 25 -30.66 -15.85 7.09
C SER B 25 -32.10 -16.28 7.40
N SER B 26 -32.87 -15.41 8.03
CA SER B 26 -34.20 -15.79 8.56
C SER B 26 -35.13 -16.36 7.50
N GLY B 27 -35.10 -15.87 6.27
CA GLY B 27 -35.99 -16.35 5.20
C GLY B 27 -35.87 -17.80 4.81
N ILE B 28 -34.77 -18.46 5.06
CA ILE B 28 -34.60 -19.88 4.67
C ILE B 28 -34.40 -20.74 5.92
N ASN B 29 -34.68 -22.03 5.82
CA ASN B 29 -34.61 -22.97 6.98
C ASN B 29 -33.50 -23.97 6.79
N VAL B 30 -32.69 -24.17 7.81
CA VAL B 30 -31.51 -25.07 7.71
C VAL B 30 -31.91 -26.54 7.51
N GLY B 31 -33.09 -26.95 7.96
CA GLY B 31 -33.54 -28.34 7.74
C GLY B 31 -33.66 -28.68 6.27
N SER B 32 -34.02 -27.71 5.45
CA SER B 32 -34.22 -27.82 3.98
C SER B 32 -32.90 -27.81 3.19
N TYR B 33 -31.75 -27.61 3.80
CA TYR B 33 -30.56 -27.53 2.92
C TYR B 33 -29.42 -28.42 3.41
N SER B 34 -28.66 -28.96 2.47
CA SER B 34 -27.45 -29.73 2.82
C SER B 34 -26.29 -28.74 2.98
N ILE B 35 -25.67 -28.67 4.15
CA ILE B 35 -24.56 -27.71 4.37
C ILE B 35 -23.25 -28.36 3.93
N PHE B 36 -22.54 -27.75 2.99
CA PHE B 36 -21.24 -28.28 2.53
C PHE B 36 -20.10 -27.52 3.22
N TRP B 37 -18.98 -28.18 3.48
CA TRP B 37 -17.87 -27.55 4.21
C TRP B 37 -16.56 -27.71 3.45
N TYR B 38 -15.78 -26.63 3.38
CA TYR B 38 -14.49 -26.58 2.67
C TYR B 38 -13.41 -25.99 3.59
N GLN B 39 -12.22 -26.52 3.46
CA GLN B 39 -11.08 -26.11 4.31
C GLN B 39 -10.00 -25.58 3.40
N GLN B 40 -9.36 -24.50 3.80
CA GLN B 40 -8.27 -23.93 2.98
C GLN B 40 -7.08 -23.58 3.87
N LYS B 41 -5.92 -24.12 3.54
CA LYS B 41 -4.68 -23.79 4.27
C LYS B 41 -3.92 -22.76 3.46
N PRO B 42 -3.01 -21.99 4.06
CA PRO B 42 -2.33 -20.98 3.33
C PRO B 42 -1.52 -21.54 2.16
N GLY B 43 -1.62 -20.86 1.04
CA GLY B 43 -0.81 -21.22 -0.13
C GLY B 43 -1.36 -22.40 -0.86
N SER B 44 -2.62 -22.74 -0.63
CA SER B 44 -3.17 -23.87 -1.39
C SER B 44 -4.66 -23.65 -1.54
N PRO B 45 -5.26 -24.30 -2.56
CA PRO B 45 -6.65 -24.17 -2.85
C PRO B 45 -7.51 -24.92 -1.83
N PRO B 46 -8.80 -24.62 -1.76
CA PRO B 46 -9.67 -25.27 -0.81
C PRO B 46 -9.91 -26.73 -1.15
N ARG B 47 -10.29 -27.50 -0.15
CA ARG B 47 -10.58 -28.94 -0.38
C ARG B 47 -11.93 -29.27 0.24
N TYR B 48 -12.64 -30.20 -0.39
CA TYR B 48 -13.99 -30.53 0.12
C TYR B 48 -13.76 -31.24 1.45
N LEU B 49 -14.45 -30.83 2.51
CA LEU B 49 -14.28 -31.51 3.80
C LEU B 49 -15.40 -32.53 3.91
N LEU B 50 -16.63 -32.07 4.02
CA LEU B 50 -17.79 -32.97 4.15
C LEU B 50 -19.07 -32.21 3.88
N PHE B 51 -20.19 -32.93 3.81
CA PHE B 51 -21.51 -32.29 3.71
C PHE B 51 -22.42 -32.98 4.72
N TYR B 52 -23.30 -32.25 5.34
CA TYR B 52 -24.22 -32.91 6.29
C TYR B 52 -25.63 -32.41 6.04
N PHE B 53 -26.58 -33.31 5.81
CA PHE B 53 -27.99 -32.87 5.67
C PHE B 53 -28.77 -33.37 6.88
N SER B 54 -28.46 -34.60 7.28
CA SER B 54 -29.04 -35.32 8.45
C SER B 54 -28.22 -36.59 8.70
N ASP B 55 -28.54 -37.36 9.73
CA ASP B 55 -27.79 -38.63 9.97
C ASP B 55 -27.97 -39.55 8.77
N SER B 56 -29.17 -39.62 8.19
CA SER B 56 -29.37 -40.42 6.95
C SER B 56 -28.58 -39.86 5.77
N SER B 57 -28.54 -38.53 5.57
CA SER B 57 -27.87 -37.98 4.37
C SER B 57 -26.62 -37.17 4.70
N LYS B 58 -25.43 -37.72 4.48
CA LYS B 58 -24.14 -37.02 4.74
C LYS B 58 -23.01 -37.75 4.04
N HIS B 59 -21.83 -37.13 3.96
CA HIS B 59 -20.64 -37.74 3.33
C HIS B 59 -19.37 -37.25 4.02
N GLN B 60 -18.38 -38.12 4.22
CA GLN B 60 -17.20 -37.66 4.99
C GLN B 60 -16.04 -37.19 4.11
N GLY B 61 -15.73 -37.89 3.03
CA GLY B 61 -14.65 -37.39 2.16
C GLY B 61 -13.35 -38.13 2.33
N SER B 62 -12.66 -38.39 1.23
CA SER B 62 -11.41 -39.18 1.27
C SER B 62 -10.39 -38.43 2.10
N GLY B 63 -9.83 -39.12 3.09
CA GLY B 63 -8.74 -38.59 3.92
C GLY B 63 -9.22 -37.71 5.06
N VAL B 64 -10.51 -37.45 5.18
CA VAL B 64 -10.92 -36.51 6.27
C VAL B 64 -11.03 -37.31 7.56
N PRO B 65 -10.28 -36.92 8.62
CA PRO B 65 -10.32 -37.60 9.89
C PRO B 65 -11.70 -37.51 10.54
N SER B 66 -12.09 -38.56 11.25
CA SER B 66 -13.43 -38.67 11.87
C SER B 66 -13.71 -37.55 12.88
N ARG B 67 -12.68 -36.92 13.42
CA ARG B 67 -12.92 -35.80 14.37
C ARG B 67 -13.74 -34.68 13.68
N PHE B 68 -13.62 -34.51 12.37
CA PHE B 68 -14.47 -33.56 11.62
C PHE B 68 -15.82 -34.23 11.31
N SER B 69 -16.88 -33.50 11.55
CA SER B 69 -18.23 -33.98 11.23
C SER B 69 -19.16 -32.79 11.03
N GLY B 70 -20.33 -33.05 10.48
CA GLY B 70 -21.34 -32.03 10.22
C GLY B 70 -22.55 -32.24 11.09
N SER B 71 -23.27 -31.16 11.35
CA SER B 71 -24.45 -31.18 12.21
C SER B 71 -25.27 -29.93 11.97
N LYS B 72 -26.38 -29.81 12.65
CA LYS B 72 -27.21 -28.60 12.47
C LYS B 72 -27.75 -28.19 13.81
N ASP B 73 -28.16 -26.95 13.88
CA ASP B 73 -28.82 -26.36 15.04
C ASP B 73 -30.04 -25.64 14.48
N THR B 74 -31.20 -26.29 14.54
CA THR B 74 -32.47 -25.74 14.00
C THR B 74 -32.88 -24.49 14.75
N SER B 75 -32.64 -24.43 16.05
CA SER B 75 -33.01 -23.26 16.87
C SER B 75 -32.19 -22.03 16.47
N ALA B 76 -30.94 -22.23 16.10
CA ALA B 76 -30.11 -21.08 15.70
C ALA B 76 -30.15 -20.95 14.18
N ASN B 77 -30.86 -21.84 13.51
CA ASN B 77 -30.97 -21.87 12.04
C ASN B 77 -29.57 -21.95 11.44
N ALA B 78 -28.76 -22.83 11.96
CA ALA B 78 -27.34 -22.91 11.55
C ALA B 78 -26.87 -24.31 11.23
N GLY B 79 -25.97 -24.38 10.29
CA GLY B 79 -25.20 -25.57 9.94
C GLY B 79 -23.97 -25.58 10.83
N LEU B 80 -23.48 -26.75 11.19
CA LEU B 80 -22.32 -26.75 12.11
C LEU B 80 -21.22 -27.64 11.54
N LEU B 81 -19.98 -27.23 11.75
CA LEU B 81 -18.86 -28.11 11.43
C LEU B 81 -18.22 -28.35 12.79
N LEU B 82 -18.08 -29.61 13.19
CA LEU B 82 -17.54 -29.97 14.51
C LEU B 82 -16.19 -30.61 14.35
N ILE B 83 -15.26 -30.21 15.20
CA ILE B 83 -13.87 -30.73 15.23
C ILE B 83 -13.56 -31.16 16.65
N SER B 84 -13.28 -32.44 16.85
CA SER B 84 -12.97 -32.91 18.23
C SER B 84 -11.48 -33.11 18.33
N GLY B 85 -10.90 -32.89 19.49
CA GLY B 85 -9.44 -33.10 19.61
C GLY B 85 -8.69 -32.26 18.61
N LEU B 86 -8.88 -30.95 18.69
CA LEU B 86 -8.23 -30.03 17.72
C LEU B 86 -6.72 -30.23 17.69
N GLN B 87 -6.17 -30.37 16.49
CA GLN B 87 -4.71 -30.50 16.27
C GLN B 87 -4.19 -29.18 15.65
N SER B 88 -2.87 -28.95 15.65
CA SER B 88 -2.30 -27.71 15.13
C SER B 88 -2.48 -27.58 13.63
N GLU B 89 -2.46 -28.71 12.90
CA GLU B 89 -2.66 -28.68 11.46
C GLU B 89 -4.11 -28.34 11.08
N ASP B 90 -5.03 -28.38 12.04
CA ASP B 90 -6.40 -27.98 11.74
C ASP B 90 -6.54 -26.47 11.54
N GLU B 91 -5.46 -25.71 11.71
CA GLU B 91 -5.52 -24.28 11.48
C GLU B 91 -5.70 -23.98 10.00
N ALA B 92 -6.77 -23.31 9.65
CA ALA B 92 -7.15 -23.10 8.27
C ALA B 92 -8.31 -22.12 8.24
N ASP B 93 -8.74 -21.76 7.03
CA ASP B 93 -10.01 -21.06 6.85
C ASP B 93 -11.07 -22.11 6.46
N TYR B 94 -12.27 -21.96 7.02
CA TYR B 94 -13.33 -22.92 6.83
C TYR B 94 -14.53 -22.22 6.20
N TYR B 95 -15.02 -22.77 5.09
CA TYR B 95 -16.11 -22.15 4.35
C TYR B 95 -17.31 -23.09 4.28
N CYS B 96 -18.50 -22.55 4.49
CA CYS B 96 -19.73 -23.30 4.28
C CYS B 96 -20.39 -22.86 2.99
N ALA B 97 -21.33 -23.68 2.52
CA ALA B 97 -21.98 -23.39 1.26
C ALA B 97 -23.28 -24.19 1.14
N ILE B 98 -24.30 -23.53 0.58
CA ILE B 98 -25.56 -24.15 0.24
C ILE B 98 -25.87 -23.80 -1.21
N TRP B 99 -26.82 -24.54 -1.79
CA TRP B 99 -27.44 -24.18 -3.05
C TRP B 99 -28.82 -23.62 -2.76
N HIS B 100 -29.08 -22.41 -3.23
CA HIS B 100 -30.40 -21.81 -3.14
C HIS B 100 -31.01 -21.76 -4.54
N SER B 101 -32.30 -22.10 -4.64
CA SER B 101 -32.90 -22.26 -5.95
C SER B 101 -32.89 -20.96 -6.74
N SER B 102 -33.01 -19.84 -6.06
CA SER B 102 -33.04 -18.54 -6.76
C SER B 102 -31.72 -17.78 -6.60
N ALA B 103 -30.95 -18.05 -5.53
CA ALA B 103 -29.71 -17.27 -5.33
C ALA B 103 -28.45 -18.03 -5.74
N SER B 104 -28.59 -19.25 -6.23
CA SER B 104 -27.49 -20.17 -6.64
C SER B 104 -26.62 -20.58 -5.46
N VAL B 105 -25.36 -20.85 -5.74
CA VAL B 105 -24.38 -21.29 -4.71
C VAL B 105 -24.06 -20.12 -3.78
N LEU B 106 -24.33 -20.29 -2.51
CA LEU B 106 -24.07 -19.26 -1.51
C LEU B 106 -22.91 -19.71 -0.64
N PHE B 107 -21.88 -18.89 -0.53
CA PHE B 107 -20.76 -19.14 0.35
C PHE B 107 -20.90 -18.29 1.61
N GLY B 108 -20.46 -18.85 2.74
CA GLY B 108 -20.25 -18.06 3.92
C GLY B 108 -18.94 -17.27 3.83
N GLY B 109 -18.84 -16.23 4.66
CA GLY B 109 -17.65 -15.39 4.65
C GLY B 109 -16.37 -16.09 5.05
N GLY B 110 -16.48 -17.25 5.71
CA GLY B 110 -15.32 -18.03 6.05
C GLY B 110 -14.85 -17.75 7.45
N THR B 111 -14.51 -18.80 8.20
CA THR B 111 -14.00 -18.69 9.56
C THR B 111 -12.51 -19.00 9.55
N ARG B 112 -11.71 -18.14 10.19
CA ARG B 112 -10.27 -18.34 10.32
C ARG B 112 -10.00 -18.96 11.68
N LEU B 113 -9.56 -20.19 11.70
CA LEU B 113 -9.42 -20.92 12.96
C LEU B 113 -7.99 -20.82 13.45
N THR B 114 -7.83 -20.39 14.70
CA THR B 114 -6.53 -20.28 15.36
C THR B 114 -6.45 -21.27 16.51
N VAL B 115 -5.30 -21.91 16.65
CA VAL B 115 -5.01 -22.80 17.77
C VAL B 115 -4.01 -22.10 18.70
N LEU B 116 -4.32 -22.10 20.00
CA LEU B 116 -3.74 -21.14 20.93
C LEU B 116 -2.48 -21.62 21.62
N GLY B 117 -2.12 -22.89 21.54
CA GLY B 117 -0.99 -23.30 22.36
C GLY B 117 0.41 -23.02 21.83
N GLN B 118 0.56 -22.45 20.64
CA GLN B 118 1.85 -22.45 19.99
C GLN B 118 2.82 -21.50 20.73
N PRO B 119 4.08 -21.89 20.88
CA PRO B 119 5.01 -21.07 21.67
C PRO B 119 5.51 -19.85 20.92
N LYS B 120 5.97 -18.88 21.69
CA LYS B 120 6.54 -17.68 21.10
C LYS B 120 7.85 -18.03 20.38
N ALA B 121 8.13 -17.35 19.28
CA ALA B 121 9.39 -17.56 18.58
C ALA B 121 9.96 -16.22 18.14
N ALA B 122 11.25 -15.98 18.40
CA ALA B 122 11.82 -14.70 18.05
C ALA B 122 12.13 -14.63 16.56
N PRO B 123 12.05 -13.45 15.96
CA PRO B 123 12.34 -13.34 14.52
C PRO B 123 13.83 -13.45 14.25
N SER B 124 14.17 -14.12 13.17
CA SER B 124 15.53 -14.05 12.64
C SER B 124 15.53 -13.02 11.51
N VAL B 125 16.54 -12.14 11.51
CA VAL B 125 16.59 -10.99 10.63
C VAL B 125 17.86 -11.05 9.79
N THR B 126 17.72 -10.89 8.48
CA THR B 126 18.83 -10.77 7.56
C THR B 126 18.68 -9.46 6.80
N LEU B 127 19.73 -8.64 6.81
CA LEU B 127 19.75 -7.37 6.12
C LEU B 127 20.75 -7.44 4.96
N PHE B 128 20.30 -7.10 3.76
CA PHE B 128 21.16 -7.06 2.57
C PHE B 128 21.42 -5.63 2.17
N PRO B 129 22.67 -5.26 1.90
CA PRO B 129 22.95 -3.94 1.30
C PRO B 129 22.60 -3.99 -0.17
N PRO B 130 22.52 -2.85 -0.85
CA PRO B 130 22.21 -2.87 -2.28
C PRO B 130 23.35 -3.50 -3.07
N SER B 131 23.00 -4.03 -4.24
CA SER B 131 23.97 -4.65 -5.14
C SER B 131 24.77 -3.56 -5.89
N SER B 132 25.99 -3.94 -6.30
CA SER B 132 26.76 -3.06 -7.17
C SER B 132 26.03 -2.77 -8.47
N GLU B 133 25.28 -3.75 -8.99
CA GLU B 133 24.50 -3.50 -10.20
C GLU B 133 23.49 -2.38 -9.98
N GLU B 134 22.68 -2.49 -8.93
CA GLU B 134 21.69 -1.46 -8.66
C GLU B 134 22.36 -0.12 -8.42
N LEU B 135 23.47 -0.11 -7.68
CA LEU B 135 24.19 1.13 -7.44
C LEU B 135 24.60 1.79 -8.76
N GLN B 136 25.06 0.98 -9.72
CA GLN B 136 25.42 1.51 -11.03
C GLN B 136 24.22 2.11 -11.75
N ALA B 137 23.01 1.72 -11.37
CA ALA B 137 21.81 2.36 -11.89
C ALA B 137 21.36 3.54 -11.02
N ASN B 138 22.26 4.08 -10.17
CA ASN B 138 22.00 5.23 -9.30
C ASN B 138 20.94 4.96 -8.22
N LYS B 139 20.63 3.71 -7.91
CA LYS B 139 19.65 3.40 -6.88
C LYS B 139 20.24 2.43 -5.85
N ALA B 140 19.60 2.36 -4.69
CA ALA B 140 20.01 1.44 -3.63
C ALA B 140 18.79 0.98 -2.87
N THR B 141 18.51 -0.32 -2.91
CA THR B 141 17.41 -0.91 -2.18
C THR B 141 17.98 -1.77 -1.06
N LEU B 142 17.62 -1.44 0.18
CA LEU B 142 18.03 -2.26 1.32
C LEU B 142 16.91 -3.27 1.59
N VAL B 143 17.29 -4.54 1.78
CA VAL B 143 16.32 -5.61 1.93
C VAL B 143 16.47 -6.23 3.31
N CYS B 144 15.38 -6.20 4.08
CA CYS B 144 15.33 -6.75 5.44
C CYS B 144 14.34 -7.90 5.46
N LEU B 145 14.85 -9.11 5.63
CA LEU B 145 14.03 -10.32 5.62
C LEU B 145 13.86 -10.84 7.05
N ILE B 146 12.62 -11.17 7.40
CA ILE B 146 12.24 -11.48 8.77
C ILE B 146 11.43 -12.76 8.74
N SER B 147 11.96 -13.81 9.37
CA SER B 147 11.35 -15.13 9.27
C SER B 147 11.26 -15.78 10.64
N ASP B 148 10.42 -16.82 10.72
CA ASP B 148 10.39 -17.75 11.84
C ASP B 148 9.97 -17.08 13.15
N PHE B 149 9.01 -16.16 13.09
CA PHE B 149 8.54 -15.55 14.33
C PHE B 149 7.07 -15.90 14.56
N TYR B 150 6.68 -15.82 15.84
CA TYR B 150 5.29 -16.18 16.22
C TYR B 150 5.04 -15.73 17.66
N PRO B 151 4.21 -14.70 17.92
CA PRO B 151 3.06 -14.37 17.06
C PRO B 151 3.45 -13.67 15.76
N GLY B 152 2.49 -13.52 14.84
CA GLY B 152 2.80 -12.93 13.53
C GLY B 152 3.00 -11.42 13.58
N ALA B 153 2.66 -10.76 14.68
CA ALA B 153 2.75 -9.30 14.67
C ALA B 153 4.20 -8.87 14.92
N VAL B 154 4.73 -8.00 14.04
CA VAL B 154 6.02 -7.34 14.26
C VAL B 154 5.91 -5.87 13.91
N GLU B 155 6.89 -5.10 14.37
CA GLU B 155 7.06 -3.72 13.97
C GLU B 155 8.43 -3.56 13.34
N VAL B 156 8.50 -2.86 12.22
CA VAL B 156 9.77 -2.65 11.52
C VAL B 156 10.02 -1.17 11.41
N ALA B 157 11.22 -0.75 11.83
CA ALA B 157 11.69 0.62 11.69
C ALA B 157 13.09 0.60 11.11
N TRP B 158 13.46 1.72 10.47
CA TRP B 158 14.78 1.84 9.87
C TRP B 158 15.54 3.01 10.49
N LYS B 159 16.86 2.91 10.51
CA LYS B 159 17.70 3.98 11.03
C LYS B 159 18.82 4.28 10.04
N ALA B 160 19.25 5.55 10.04
CA ALA B 160 20.44 5.99 9.31
C ALA B 160 21.37 6.65 10.30
N ASP B 161 22.58 6.13 10.44
CA ASP B 161 23.49 6.55 11.51
C ASP B 161 22.77 6.56 12.85
N GLY B 162 22.03 5.49 13.14
CA GLY B 162 21.32 5.38 14.39
C GLY B 162 20.14 6.30 14.60
N SER B 163 19.74 7.08 13.60
CA SER B 163 18.62 8.00 13.77
C SER B 163 17.46 7.57 12.88
N ALA B 164 16.24 7.88 13.31
CA ALA B 164 15.06 7.33 12.66
C ALA B 164 14.93 7.80 11.21
N VAL B 165 14.62 6.87 10.31
CA VAL B 165 14.34 7.19 8.90
C VAL B 165 12.87 7.51 8.76
N ASN B 166 12.54 8.52 7.94
CA ASN B 166 11.17 9.02 7.85
C ASN B 166 10.50 8.78 6.50
N ALA B 167 11.12 8.04 5.60
CA ALA B 167 10.54 7.86 4.27
C ALA B 167 11.26 6.74 3.54
N GLY B 168 10.63 6.28 2.47
CA GLY B 168 11.20 5.24 1.63
C GLY B 168 11.08 3.83 2.14
N VAL B 169 10.18 3.58 3.09
CA VAL B 169 10.05 2.26 3.73
C VAL B 169 8.75 1.61 3.29
N GLU B 170 8.84 0.37 2.82
CA GLU B 170 7.66 -0.44 2.59
C GLU B 170 7.84 -1.79 3.26
N THR B 171 6.83 -2.24 3.99
CA THR B 171 6.90 -3.45 4.80
C THR B 171 5.70 -4.32 4.50
N THR B 172 5.96 -5.58 4.13
CA THR B 172 4.86 -6.50 3.84
C THR B 172 4.17 -6.91 5.14
N LYS B 173 2.92 -7.33 5.00
CA LYS B 173 2.23 -7.93 6.12
C LYS B 173 2.82 -9.32 6.39
N PRO B 174 2.71 -9.79 7.63
CA PRO B 174 3.24 -11.13 7.93
C PRO B 174 2.42 -12.22 7.25
N SER B 175 3.12 -13.17 6.64
CA SER B 175 2.53 -14.37 6.07
C SER B 175 3.03 -15.57 6.87
N LYS B 176 2.28 -16.67 6.80
CA LYS B 176 2.68 -17.86 7.54
C LYS B 176 3.49 -18.78 6.64
N GLN B 177 4.52 -19.39 7.22
CA GLN B 177 5.44 -20.25 6.48
C GLN B 177 4.96 -21.70 6.56
N SER B 178 5.78 -22.62 6.06
CA SER B 178 5.42 -24.04 6.08
C SER B 178 5.55 -24.64 7.48
N ASN B 179 6.26 -23.97 8.39
CA ASN B 179 6.44 -24.44 9.74
C ASN B 179 5.50 -23.75 10.74
N ASN B 180 4.40 -23.16 10.26
CA ASN B 180 3.40 -22.47 11.07
C ASN B 180 3.93 -21.21 11.73
N LYS B 181 5.16 -20.79 11.40
CA LYS B 181 5.69 -19.52 11.86
C LYS B 181 5.39 -18.45 10.82
N TYR B 182 5.79 -17.21 11.09
CA TYR B 182 5.42 -16.07 10.27
C TYR B 182 6.65 -15.44 9.62
N ALA B 183 6.44 -14.80 8.47
CA ALA B 183 7.52 -14.19 7.72
C ALA B 183 7.06 -12.85 7.17
N ALA B 184 8.01 -11.94 7.01
CA ALA B 184 7.71 -10.63 6.42
C ALA B 184 8.99 -10.08 5.84
N SER B 185 8.85 -9.00 5.07
CA SER B 185 10.01 -8.34 4.51
C SER B 185 9.76 -6.84 4.52
N SER B 186 10.84 -6.07 4.63
CA SER B 186 10.77 -4.62 4.63
C SER B 186 11.86 -4.11 3.71
N TYR B 187 11.53 -3.09 2.93
CA TYR B 187 12.46 -2.52 1.96
C TYR B 187 12.67 -1.05 2.26
N LEU B 188 13.91 -0.62 2.26
CA LEU B 188 14.25 0.80 2.27
C LEU B 188 14.81 1.14 0.90
N SER B 189 14.08 1.97 0.14
CA SER B 189 14.46 2.31 -1.23
C SER B 189 15.06 3.71 -1.25
N LEU B 190 16.33 3.79 -1.65
CA LEU B 190 17.12 5.02 -1.68
C LEU B 190 17.74 5.18 -3.06
N THR B 191 18.32 6.37 -3.28
CA THR B 191 19.25 6.57 -4.37
C THR B 191 20.66 6.17 -3.92
N SER B 192 21.53 5.93 -4.90
CA SER B 192 22.92 5.62 -4.58
C SER B 192 23.57 6.73 -3.75
N ASP B 193 23.28 7.99 -4.09
CA ASP B 193 23.86 9.10 -3.33
C ASP B 193 23.36 9.12 -1.89
N GLN B 194 22.08 8.80 -1.68
CA GLN B 194 21.57 8.73 -0.31
C GLN B 194 22.23 7.60 0.45
N TRP B 195 22.41 6.45 -0.21
CA TRP B 195 23.16 5.34 0.37
C TRP B 195 24.57 5.76 0.75
N LYS B 196 25.26 6.50 -0.13
CA LYS B 196 26.63 6.89 0.17
C LYS B 196 26.70 7.88 1.32
N SER B 197 25.62 8.63 1.55
CA SER B 197 25.74 9.79 2.42
C SER B 197 25.65 9.46 3.89
N HIS B 198 25.50 8.19 4.28
CA HIS B 198 25.51 7.82 5.69
C HIS B 198 26.51 6.70 5.93
N LYS B 199 27.00 6.63 7.17
CA LYS B 199 27.99 5.62 7.50
C LYS B 199 27.37 4.28 7.86
N SER B 200 26.10 4.26 8.25
CA SER B 200 25.47 2.99 8.54
C SER B 200 23.97 3.13 8.35
N TYR B 201 23.35 2.04 7.91
CA TYR B 201 21.90 1.91 7.89
C TYR B 201 21.51 0.66 8.67
N SER B 202 20.35 0.69 9.31
CA SER B 202 19.96 -0.45 10.12
C SER B 202 18.47 -0.71 10.02
N CYS B 203 18.11 -1.99 10.12
CA CYS B 203 16.73 -2.44 10.10
C CYS B 203 16.40 -2.98 11.48
N GLN B 204 15.36 -2.43 12.11
CA GLN B 204 15.05 -2.73 13.50
C GLN B 204 13.69 -3.42 13.57
N VAL B 205 13.68 -4.68 13.96
CA VAL B 205 12.46 -5.47 13.99
C VAL B 205 12.04 -5.66 15.43
N THR B 206 10.87 -5.14 15.77
CA THR B 206 10.32 -5.25 17.14
C THR B 206 9.26 -6.36 17.20
N HIS B 207 9.53 -7.39 17.99
CA HIS B 207 8.57 -8.50 18.14
C HIS B 207 8.30 -8.72 19.63
N GLU B 208 7.03 -8.68 20.03
CA GLU B 208 6.68 -8.81 21.44
C GLU B 208 7.39 -7.69 22.20
N GLY B 209 8.12 -8.01 23.26
CA GLY B 209 8.69 -6.86 23.99
C GLY B 209 10.08 -6.47 23.55
N SER B 210 10.64 -7.10 22.51
CA SER B 210 12.06 -6.88 22.19
C SER B 210 12.38 -6.58 20.71
N THR B 211 13.57 -6.03 20.47
CA THR B 211 13.99 -5.65 19.09
C THR B 211 15.32 -6.25 18.65
N VAL B 212 15.42 -6.77 17.42
CA VAL B 212 16.71 -7.20 16.94
C VAL B 212 17.02 -6.33 15.74
N GLU B 213 18.20 -5.73 15.76
CA GLU B 213 18.60 -4.73 14.78
C GLU B 213 19.83 -5.23 14.04
N LYS B 214 19.77 -5.22 12.73
CA LYS B 214 20.87 -5.54 11.85
C LYS B 214 21.36 -4.26 11.17
N THR B 215 22.64 -4.20 10.83
CA THR B 215 23.24 -2.97 10.31
C THR B 215 24.15 -3.30 9.13
N VAL B 216 24.10 -2.45 8.11
CA VAL B 216 25.02 -2.52 6.97
C VAL B 216 25.69 -1.16 6.86
N ALA B 217 26.89 -1.16 6.28
CA ALA B 217 27.66 0.07 6.14
C ALA B 217 28.15 0.18 4.70
N PRO B 218 27.93 1.31 4.04
CA PRO B 218 28.42 1.49 2.67
C PRO B 218 29.93 1.26 2.60
N ALA B 219 30.33 0.41 1.64
CA ALA B 219 31.72 0.05 1.36
C ALA B 219 32.51 -0.33 2.61
N GLN C 1 4.93 41.68 -3.54
CA GLN C 1 6.09 40.90 -3.95
C GLN C 1 5.66 39.88 -5.03
N VAL C 2 6.45 38.88 -5.32
CA VAL C 2 6.20 37.99 -6.45
C VAL C 2 5.38 36.79 -5.99
N GLN C 3 4.54 36.28 -6.89
CA GLN C 3 3.79 35.06 -6.63
C GLN C 3 3.93 34.13 -7.83
N LEU C 4 4.30 32.88 -7.56
CA LEU C 4 4.57 31.88 -8.58
C LEU C 4 3.49 30.80 -8.52
N GLN C 5 3.16 30.23 -9.69
CA GLN C 5 2.15 29.19 -9.77
C GLN C 5 2.55 28.16 -10.82
N GLU C 6 2.73 26.91 -10.39
CA GLU C 6 3.04 25.81 -11.32
C GLU C 6 1.76 25.22 -11.91
N SER C 7 1.90 24.62 -13.09
CA SER C 7 0.78 24.00 -13.80
C SER C 7 1.30 22.85 -14.65
N GLY C 8 0.48 21.81 -14.77
CA GLY C 8 0.87 20.67 -15.57
C GLY C 8 -0.19 19.60 -15.61
N PRO C 9 0.13 18.47 -16.25
CA PRO C 9 -0.92 17.47 -16.50
C PRO C 9 -1.35 16.72 -15.25
N GLY C 10 -0.47 16.54 -14.28
CA GLY C 10 -0.80 15.71 -13.15
C GLY C 10 -0.50 14.24 -13.34
N LEU C 11 -0.67 13.72 -14.55
CA LEU C 11 -0.37 12.33 -14.83
C LEU C 11 0.38 12.25 -16.16
N VAL C 12 1.48 11.51 -16.17
CA VAL C 12 2.31 11.36 -17.35
C VAL C 12 2.71 9.90 -17.45
N LYS C 13 2.62 9.32 -18.64
CA LYS C 13 2.95 7.91 -18.76
C LYS C 13 4.47 7.72 -18.82
N PRO C 14 4.97 6.59 -18.34
CA PRO C 14 6.41 6.30 -18.46
C PRO C 14 6.87 6.38 -19.90
N SER C 15 8.10 6.88 -20.08
CA SER C 15 8.83 7.10 -21.33
C SER C 15 8.38 8.37 -22.04
N GLU C 16 7.28 8.99 -21.63
CA GLU C 16 6.82 10.20 -22.29
C GLU C 16 7.44 11.42 -21.61
N THR C 17 6.98 12.61 -21.96
CA THR C 17 7.63 13.86 -21.57
C THR C 17 6.75 14.61 -20.58
N LEU C 18 7.34 14.98 -19.46
CA LEU C 18 6.67 15.80 -18.45
C LEU C 18 6.87 17.26 -18.83
N SER C 19 5.78 18.02 -18.84
CA SER C 19 5.78 19.41 -19.27
C SER C 19 5.05 20.23 -18.23
N LEU C 20 5.76 21.20 -17.63
CA LEU C 20 5.18 22.10 -16.63
C LEU C 20 5.46 23.54 -16.98
N THR C 21 4.62 24.43 -16.46
CA THR C 21 4.81 25.85 -16.60
C THR C 21 4.72 26.49 -15.22
N CYS C 22 5.50 27.56 -15.04
CA CYS C 22 5.43 28.36 -13.83
C CYS C 22 5.04 29.76 -14.26
N ASP C 23 3.89 30.24 -13.80
CA ASP C 23 3.44 31.58 -14.12
CA ASP C 23 3.44 31.58 -14.12
C ASP C 23 3.92 32.54 -13.04
N VAL C 24 4.44 33.68 -13.46
CA VAL C 24 4.98 34.68 -12.54
C VAL C 24 4.01 35.85 -12.47
N SER C 25 3.65 36.23 -11.25
CA SER C 25 2.78 37.36 -10.99
C SER C 25 3.55 38.41 -10.20
N GLY C 26 3.32 39.68 -10.54
CA GLY C 26 3.84 40.73 -9.71
C GLY C 26 5.31 41.03 -9.89
N GLY C 27 5.96 40.46 -10.88
CA GLY C 27 7.36 40.74 -11.10
C GLY C 27 7.77 40.38 -12.51
N SER C 28 8.79 41.06 -13.02
CA SER C 28 9.28 40.81 -14.40
C SER C 28 10.22 39.60 -14.40
N PHE C 29 10.08 38.72 -15.40
CA PHE C 29 10.98 37.58 -15.52
C PHE C 29 12.42 38.03 -15.71
N SER C 30 12.62 39.10 -16.48
CA SER C 30 13.96 39.64 -16.72
C SER C 30 14.48 40.34 -15.47
N GLY C 31 15.56 39.81 -14.91
CA GLY C 31 16.24 40.44 -13.79
C GLY C 31 17.44 39.61 -13.41
N ASP C 32 18.28 40.18 -12.55
CA ASP C 32 19.50 39.49 -12.12
C ASP C 32 19.16 38.50 -10.99
N PHE C 33 18.49 37.42 -11.38
CA PHE C 33 18.15 36.33 -10.47
C PHE C 33 17.80 35.09 -11.28
N TYR C 34 18.04 33.93 -10.69
CA TYR C 34 17.72 32.67 -11.34
C TYR C 34 16.26 32.29 -11.06
N TRP C 35 15.67 31.58 -12.02
CA TRP C 35 14.40 30.90 -11.86
C TRP C 35 14.69 29.41 -11.95
N SER C 36 14.32 28.68 -10.91
CA SER C 36 14.75 27.30 -10.79
C SER C 36 13.54 26.39 -10.68
N TRP C 37 13.73 25.12 -11.05
CA TRP C 37 12.76 24.08 -10.77
C TRP C 37 13.34 23.13 -9.73
N ILE C 38 12.56 22.84 -8.69
CA ILE C 38 12.95 21.91 -7.64
C ILE C 38 11.82 20.93 -7.43
N ARG C 39 12.14 19.65 -7.24
CA ARG C 39 11.13 18.62 -7.07
C ARG C 39 11.33 17.88 -5.75
N GLN C 40 10.24 17.27 -5.27
CA GLN C 40 10.22 16.57 -4.00
C GLN C 40 9.31 15.35 -4.11
N PRO C 41 9.88 14.14 -4.17
CA PRO C 41 9.02 12.96 -4.13
C PRO C 41 8.17 12.99 -2.88
N PRO C 42 6.94 12.45 -2.95
CA PRO C 42 6.05 12.49 -1.77
C PRO C 42 6.72 11.98 -0.52
N GLY C 43 6.75 12.81 0.52
CA GLY C 43 7.33 12.44 1.80
C GLY C 43 8.83 12.40 1.83
N LYS C 44 9.51 12.73 0.75
CA LYS C 44 10.96 12.64 0.69
C LYS C 44 11.56 14.04 0.62
N GLY C 45 12.82 14.13 0.19
CA GLY C 45 13.56 15.38 0.23
C GLY C 45 13.55 16.15 -1.08
N LEU C 46 14.28 17.27 -1.06
CA LEU C 46 14.32 18.20 -2.17
C LEU C 46 15.38 17.81 -3.19
N ASP C 47 15.10 18.12 -4.45
CA ASP C 47 15.97 17.76 -5.57
C ASP C 47 15.97 18.88 -6.58
N TRP C 48 17.13 19.51 -6.77
CA TRP C 48 17.25 20.60 -7.74
C TRP C 48 17.36 20.01 -9.15
N ILE C 49 16.51 20.50 -10.05
CA ILE C 49 16.49 20.04 -11.44
C ILE C 49 17.33 20.95 -12.34
N GLY C 50 17.14 22.25 -12.23
CA GLY C 50 17.92 23.19 -13.00
C GLY C 50 17.37 24.59 -12.82
N ASN C 51 17.97 25.54 -13.54
CA ASN C 51 17.45 26.89 -13.51
C ASN C 51 17.58 27.54 -14.88
N ILE C 52 16.94 28.70 -15.00
CA ILE C 52 17.15 29.61 -16.12
C ILE C 52 17.35 31.00 -15.54
N HIS C 53 18.28 31.75 -16.10
CA HIS C 53 18.64 33.06 -15.55
C HIS C 53 17.76 34.13 -16.16
N GLY C 54 17.13 34.95 -15.30
CA GLY C 54 16.47 36.13 -15.79
C GLY C 54 17.45 37.05 -16.49
N SER C 55 16.92 37.88 -17.39
CA SER C 55 17.70 38.80 -18.22
C SER C 55 18.59 38.08 -19.24
N SER C 56 19.35 37.05 -18.85
CA SER C 56 20.26 36.39 -19.77
C SER C 56 19.68 35.15 -20.45
N ALA C 57 18.66 34.53 -19.84
CA ALA C 57 18.01 33.33 -20.37
C ALA C 57 18.98 32.16 -20.53
N GLY C 58 20.14 32.22 -19.87
CA GLY C 58 21.01 31.07 -19.81
C GLY C 58 20.47 30.01 -18.85
N THR C 59 20.84 28.75 -19.13
CA THR C 59 20.32 27.61 -18.39
C THR C 59 21.45 26.83 -17.72
N LYS C 60 21.17 26.33 -16.53
CA LYS C 60 21.98 25.32 -15.85
C LYS C 60 21.07 24.14 -15.50
N TYR C 61 21.61 22.94 -15.58
CA TYR C 61 20.83 21.73 -15.37
C TYR C 61 21.57 20.79 -14.43
N LYS C 62 20.80 19.95 -13.74
CA LYS C 62 21.41 18.89 -12.96
C LYS C 62 22.21 17.99 -13.91
N PRO C 63 23.47 17.70 -13.60
CA PRO C 63 24.28 16.89 -14.54
C PRO C 63 23.68 15.53 -14.86
N SER C 64 23.12 14.86 -13.86
CA SER C 64 22.50 13.56 -14.11
C SER C 64 21.22 13.68 -14.94
N LEU C 65 20.68 14.88 -15.11
CA LEU C 65 19.44 15.09 -15.85
C LEU C 65 19.63 15.80 -17.19
N LYS C 66 20.87 16.16 -17.56
CA LYS C 66 21.05 17.16 -18.60
C LYS C 66 20.62 16.66 -19.98
N SER C 67 20.71 15.36 -20.22
CA SER C 67 20.21 14.84 -21.49
C SER C 67 18.68 14.86 -21.58
N ARG C 68 17.99 15.02 -20.46
CA ARG C 68 16.53 14.93 -20.44
C ARG C 68 15.81 16.24 -20.16
N VAL C 69 16.49 17.28 -19.70
CA VAL C 69 15.83 18.48 -19.18
C VAL C 69 15.98 19.62 -20.18
N THR C 70 14.87 20.32 -20.42
CA THR C 70 14.87 21.58 -21.15
C THR C 70 14.07 22.57 -20.33
N ILE C 71 14.64 23.75 -20.09
CA ILE C 71 13.98 24.83 -19.38
C ILE C 71 13.93 26.03 -20.32
N SER C 72 12.72 26.50 -20.62
CA SER C 72 12.48 27.55 -21.59
C SER C 72 11.74 28.72 -20.96
N LYS C 73 11.79 29.87 -21.64
CA LYS C 73 11.00 31.04 -21.30
C LYS C 73 10.13 31.42 -22.49
N ASP C 74 8.85 31.69 -22.23
CA ASP C 74 7.91 31.91 -23.33
C ASP C 74 8.11 33.28 -23.94
N THR C 75 7.84 33.36 -25.25
CA THR C 75 8.03 34.60 -25.98
C THR C 75 7.19 35.74 -25.41
N SER C 76 5.89 35.50 -25.25
CA SER C 76 4.92 36.54 -24.89
C SER C 76 4.58 36.52 -23.40
N LYS C 77 4.17 35.36 -22.89
CA LYS C 77 3.70 35.26 -21.52
C LYS C 77 4.85 35.42 -20.52
N ASN C 78 4.53 35.99 -19.36
CA ASN C 78 5.48 36.07 -18.26
C ASN C 78 5.44 34.73 -17.51
N GLN C 79 6.21 33.78 -18.03
CA GLN C 79 6.21 32.43 -17.49
C GLN C 79 7.36 31.66 -18.10
N PHE C 80 7.82 30.63 -17.39
CA PHE C 80 8.88 29.77 -17.92
C PHE C 80 8.44 28.32 -17.79
N SER C 81 9.16 27.43 -18.46
CA SER C 81 8.68 26.08 -18.67
C SER C 81 9.74 25.07 -18.26
N LEU C 82 9.27 23.88 -17.91
CA LEU C 82 10.13 22.73 -17.66
C LEU C 82 9.65 21.58 -18.52
N LYS C 83 10.59 20.91 -19.18
CA LYS C 83 10.33 19.70 -19.93
C LYS C 83 11.35 18.65 -19.51
N LEU C 84 10.86 17.47 -19.17
CA LEU C 84 11.68 16.36 -18.70
C LEU C 84 11.20 15.13 -19.46
N SER C 85 12.06 14.61 -20.35
CA SER C 85 11.72 13.53 -21.26
C SER C 85 12.02 12.17 -20.64
N SER C 86 11.45 11.13 -21.25
CA SER C 86 11.62 9.72 -20.86
C SER C 86 11.48 9.52 -19.35
N VAL C 87 10.33 9.95 -18.85
CA VAL C 87 10.11 9.89 -17.40
C VAL C 87 9.86 8.45 -16.97
N THR C 88 10.16 8.19 -15.71
CA THR C 88 9.79 6.94 -15.06
C THR C 88 9.15 7.27 -13.73
N ALA C 89 8.83 6.22 -12.98
CA ALA C 89 8.27 6.39 -11.64
C ALA C 89 9.22 7.15 -10.71
N ALA C 90 10.52 7.12 -10.99
CA ALA C 90 11.48 7.89 -10.22
C ALA C 90 11.25 9.38 -10.37
N ASP C 91 10.44 9.80 -11.35
CA ASP C 91 10.15 11.20 -11.61
C ASP C 91 8.84 11.68 -10.99
N THR C 92 8.12 10.82 -10.27
CA THR C 92 6.94 11.26 -9.51
C THR C 92 7.39 12.19 -8.39
N ALA C 93 6.72 13.33 -8.25
CA ALA C 93 7.17 14.34 -7.28
C ALA C 93 6.21 15.51 -7.29
N VAL C 94 6.21 16.25 -6.20
CA VAL C 94 5.74 17.62 -6.26
C VAL C 94 6.85 18.46 -6.89
N TYR C 95 6.51 19.29 -7.87
CA TYR C 95 7.47 20.12 -8.59
C TYR C 95 7.21 21.58 -8.23
N TYR C 96 8.27 22.27 -7.81
CA TYR C 96 8.17 23.68 -7.44
C TYR C 96 8.96 24.54 -8.43
N CYS C 97 8.49 25.75 -8.65
CA CYS C 97 9.34 26.76 -9.28
C CYS C 97 9.69 27.80 -8.23
N THR C 98 10.85 28.45 -8.42
CA THR C 98 11.37 29.38 -7.43
C THR C 98 12.09 30.51 -8.13
N ARG C 99 12.19 31.63 -7.42
CA ARG C 99 13.02 32.75 -7.82
C ARG C 99 14.06 33.00 -6.73
N GLY C 100 15.20 33.51 -7.14
CA GLY C 100 16.19 33.96 -6.20
C GLY C 100 15.86 35.33 -5.65
N PRO C 101 16.74 35.82 -4.76
CA PRO C 101 16.52 37.14 -4.18
C PRO C 101 16.86 38.23 -5.20
N LEU C 102 16.42 39.44 -4.87
CA LEU C 102 16.80 40.59 -5.69
C LEU C 102 18.32 40.80 -5.64
N SER C 103 18.96 41.00 -6.80
CA SER C 103 20.45 41.07 -6.87
C SER C 103 21.07 42.03 -5.85
N ARG C 104 20.29 43.01 -5.37
CA ARG C 104 20.82 44.00 -4.41
C ARG C 104 20.90 43.41 -3.00
N ILE C 105 20.29 42.24 -2.78
CA ILE C 105 20.23 41.61 -1.42
C ILE C 105 21.58 41.19 -0.86
N VAL C 106 22.33 40.34 -1.56
CA VAL C 106 23.72 39.97 -1.14
C VAL C 106 24.55 40.05 -2.42
N ALA C 107 24.92 41.28 -2.75
CA ALA C 107 25.64 41.65 -3.98
C ALA C 107 27.01 40.95 -4.02
N GLY C 108 27.64 40.80 -2.86
CA GLY C 108 28.98 40.18 -2.74
C GLY C 108 28.97 38.66 -2.83
N PHE C 109 27.84 38.01 -2.54
CA PHE C 109 27.75 36.53 -2.67
C PHE C 109 28.02 36.13 -4.12
N GLY C 110 27.55 36.92 -5.08
CA GLY C 110 27.69 36.57 -6.50
C GLY C 110 26.37 36.09 -7.07
N ARG C 111 26.36 34.94 -7.73
CA ARG C 111 25.12 34.42 -8.38
C ARG C 111 24.02 34.15 -7.37
N GLY C 112 24.34 33.58 -6.20
CA GLY C 112 23.28 33.19 -5.24
C GLY C 112 22.34 32.20 -5.92
N ILE C 113 22.88 31.31 -6.75
CA ILE C 113 22.05 30.34 -7.53
C ILE C 113 21.26 29.43 -6.59
N ASN C 114 21.82 29.09 -5.43
CA ASN C 114 21.15 28.16 -4.53
C ASN C 114 20.35 28.88 -3.47
N TRP C 115 20.02 30.14 -3.70
CA TRP C 115 19.13 30.91 -2.83
C TRP C 115 17.74 30.88 -3.45
N PHE C 116 16.84 30.12 -2.83
CA PHE C 116 15.46 30.00 -3.28
C PHE C 116 14.59 30.85 -2.36
N ASP C 117 14.34 32.09 -2.78
CA ASP C 117 13.71 33.12 -1.95
C ASP C 117 12.19 33.04 -1.95
N VAL C 118 11.56 32.92 -3.12
CA VAL C 118 10.11 32.77 -3.21
C VAL C 118 9.81 31.44 -3.87
N TRP C 119 8.80 30.74 -3.37
CA TRP C 119 8.44 29.44 -3.90
C TRP C 119 7.00 29.45 -4.40
N GLY C 120 6.73 28.67 -5.45
CA GLY C 120 5.38 28.36 -5.82
C GLY C 120 4.76 27.39 -4.84
N PRO C 121 3.43 27.21 -4.93
CA PRO C 121 2.78 26.25 -4.05
C PRO C 121 3.11 24.81 -4.40
N GLY C 122 3.52 24.55 -5.63
CA GLY C 122 3.91 23.22 -6.07
C GLY C 122 2.77 22.50 -6.76
N VAL C 123 3.12 21.62 -7.69
CA VAL C 123 2.16 20.85 -8.45
C VAL C 123 2.61 19.39 -8.45
N LEU C 124 1.70 18.49 -8.10
CA LEU C 124 2.04 17.08 -8.05
C LEU C 124 1.98 16.50 -9.45
N VAL C 125 3.00 15.73 -9.82
CA VAL C 125 2.98 15.00 -11.06
C VAL C 125 3.27 13.53 -10.73
N THR C 126 2.33 12.66 -11.07
CA THR C 126 2.51 11.22 -10.92
C THR C 126 2.85 10.65 -12.29
N VAL C 127 3.96 9.92 -12.36
CA VAL C 127 4.35 9.16 -13.53
C VAL C 127 3.88 7.74 -13.30
N SER C 128 2.86 7.31 -14.05
CA SER C 128 2.32 5.96 -13.91
C SER C 128 1.72 5.51 -15.22
N SER C 129 1.74 4.19 -15.45
CA SER C 129 1.10 3.66 -16.65
C SER C 129 -0.41 3.50 -16.47
N ALA C 130 -0.92 3.63 -15.25
CA ALA C 130 -2.34 3.39 -15.03
C ALA C 130 -3.17 4.57 -15.54
N SER C 131 -4.43 4.29 -15.84
CA SER C 131 -5.33 5.30 -16.40
C SER C 131 -5.87 6.21 -15.31
N THR C 132 -6.18 7.45 -15.70
CA THR C 132 -6.94 8.32 -14.82
C THR C 132 -8.32 7.71 -14.59
N LYS C 133 -8.84 7.93 -13.39
CA LYS C 133 -10.17 7.36 -13.03
C LYS C 133 -10.91 8.34 -12.12
N GLY C 134 -12.08 8.81 -12.56
CA GLY C 134 -12.89 9.70 -11.75
C GLY C 134 -13.46 8.96 -10.56
N PRO C 135 -13.49 9.63 -9.41
CA PRO C 135 -14.06 9.03 -8.21
C PRO C 135 -15.57 8.95 -8.27
N SER C 136 -16.11 8.01 -7.49
CA SER C 136 -17.50 8.06 -7.08
C SER C 136 -17.59 8.86 -5.78
N VAL C 137 -18.61 9.69 -5.66
CA VAL C 137 -18.82 10.48 -4.45
C VAL C 137 -20.05 9.96 -3.72
N PHE C 138 -19.87 9.48 -2.50
CA PHE C 138 -20.99 8.98 -1.72
C PHE C 138 -21.16 9.80 -0.44
N PRO C 139 -22.40 10.14 -0.06
CA PRO C 139 -22.59 10.90 1.18
C PRO C 139 -22.32 10.03 2.40
N LEU C 140 -21.77 10.66 3.42
CA LEU C 140 -21.53 10.02 4.73
C LEU C 140 -22.54 10.64 5.69
N ALA C 141 -23.65 9.96 5.91
CA ALA C 141 -24.69 10.47 6.85
C ALA C 141 -24.15 10.37 8.27
N PRO C 142 -24.62 11.20 9.23
CA PRO C 142 -24.03 11.18 10.57
C PRO C 142 -24.26 9.82 11.24
N SER C 143 -23.24 9.33 11.96
CA SER C 143 -23.34 7.99 12.61
C SER C 143 -24.55 7.97 13.55
N THR C 147 -27.77 7.55 17.09
CA THR C 147 -27.15 8.51 17.99
C THR C 147 -27.67 9.91 17.73
N SER C 148 -28.06 10.61 18.81
CA SER C 148 -28.60 11.96 18.74
C SER C 148 -27.80 12.84 19.70
N GLU C 149 -26.59 13.21 19.28
CA GLU C 149 -25.72 14.03 20.11
C GLU C 149 -25.92 15.51 19.78
N SER C 150 -25.04 16.35 20.30
CA SER C 150 -25.13 17.78 20.04
C SER C 150 -24.44 18.16 18.73
N THR C 151 -23.51 17.34 18.29
CA THR C 151 -22.79 17.52 17.05
C THR C 151 -23.06 16.32 16.16
N ALA C 152 -23.24 16.59 14.88
CA ALA C 152 -23.41 15.56 13.86
C ALA C 152 -22.26 15.67 12.89
N ALA C 153 -21.60 14.55 12.62
CA ALA C 153 -20.53 14.48 11.65
C ALA C 153 -21.13 13.99 10.34
N LEU C 154 -21.10 14.84 9.32
CA LEU C 154 -21.54 14.48 7.98
C LEU C 154 -20.40 14.73 7.00
N GLY C 155 -20.34 13.90 5.96
CA GLY C 155 -19.23 14.04 5.05
C GLY C 155 -19.48 13.42 3.71
N CYS C 156 -18.41 13.36 2.91
CA CYS C 156 -18.45 12.74 1.59
C CYS C 156 -17.32 11.74 1.47
N LEU C 157 -17.62 10.57 0.96
CA LEU C 157 -16.59 9.59 0.65
C LEU C 157 -16.21 9.75 -0.81
N VAL C 158 -14.93 10.02 -1.08
CA VAL C 158 -14.47 10.22 -2.44
C VAL C 158 -13.69 8.97 -2.82
N LYS C 159 -14.37 8.08 -3.50
CA LYS C 159 -13.88 6.71 -3.70
C LYS C 159 -13.36 6.37 -5.09
N ASP C 160 -12.33 5.57 -5.08
CA ASP C 160 -11.74 4.92 -6.27
C ASP C 160 -11.31 5.89 -7.37
N TYR C 161 -10.40 6.79 -7.07
CA TYR C 161 -9.91 7.72 -8.12
C TYR C 161 -8.40 7.59 -8.33
N PHE C 162 -7.92 8.12 -9.45
CA PHE C 162 -6.50 8.13 -9.80
C PHE C 162 -6.23 9.18 -10.87
N PRO C 163 -5.17 9.98 -10.74
CA PRO C 163 -4.24 10.02 -9.62
C PRO C 163 -4.64 11.08 -8.59
N GLU C 164 -3.80 11.27 -7.56
CA GLU C 164 -3.93 12.43 -6.71
C GLU C 164 -3.73 13.69 -7.55
N PRO C 165 -4.20 14.85 -7.10
CA PRO C 165 -5.01 15.05 -5.90
C PRO C 165 -6.48 15.24 -6.21
N VAL C 166 -7.26 15.22 -5.15
CA VAL C 166 -8.65 15.65 -5.16
C VAL C 166 -8.73 16.84 -4.22
N THR C 167 -9.55 17.83 -4.55
CA THR C 167 -9.82 18.90 -3.61
C THR C 167 -11.28 18.82 -3.19
N VAL C 168 -11.55 19.18 -1.95
CA VAL C 168 -12.90 19.19 -1.44
C VAL C 168 -13.15 20.53 -0.78
N SER C 169 -14.27 21.15 -1.14
CA SER C 169 -14.80 22.26 -0.37
C SER C 169 -16.22 21.90 0.05
N TRP C 170 -16.74 22.68 1.00
CA TRP C 170 -18.10 22.51 1.48
C TRP C 170 -18.88 23.80 1.23
N ASN C 171 -20.09 23.65 0.68
CA ASN C 171 -20.96 24.78 0.37
C ASN C 171 -20.19 25.86 -0.38
N SER C 172 -19.46 25.42 -1.42
CA SER C 172 -18.75 26.31 -2.34
C SER C 172 -17.73 27.20 -1.62
N GLY C 173 -17.21 26.73 -0.48
CA GLY C 173 -16.24 27.47 0.31
C GLY C 173 -16.84 28.29 1.43
N SER C 174 -18.17 28.37 1.52
CA SER C 174 -18.83 29.09 2.60
C SER C 174 -18.66 28.43 3.97
N LEU C 175 -18.26 27.16 4.00
CA LEU C 175 -18.20 26.40 5.24
C LEU C 175 -16.76 25.95 5.44
N THR C 176 -16.11 26.53 6.42
CA THR C 176 -14.75 26.16 6.79
C THR C 176 -14.63 25.66 8.21
N SER C 177 -15.45 26.16 9.13
CA SER C 177 -15.35 25.74 10.52
C SER C 177 -15.72 24.28 10.65
N GLY C 178 -14.93 23.54 11.42
CA GLY C 178 -15.22 22.14 11.66
C GLY C 178 -15.08 21.26 10.44
N VAL C 179 -14.39 21.72 9.39
CA VAL C 179 -14.17 20.92 8.19
C VAL C 179 -12.84 20.20 8.31
N HIS C 180 -12.84 18.91 8.01
CA HIS C 180 -11.65 18.08 8.12
C HIS C 180 -11.64 17.14 6.93
N THR C 181 -10.74 17.37 5.99
CA THR C 181 -10.53 16.48 4.85
C THR C 181 -9.29 15.64 5.14
N PHE C 182 -9.45 14.29 5.12
CA PHE C 182 -8.36 13.42 5.52
C PHE C 182 -7.46 13.10 4.33
N PRO C 183 -6.18 12.80 4.55
CA PRO C 183 -5.36 12.26 3.47
C PRO C 183 -5.93 10.95 2.95
N ALA C 184 -5.73 10.72 1.66
CA ALA C 184 -6.30 9.57 0.97
C ALA C 184 -5.58 8.29 1.35
N VAL C 185 -6.32 7.18 1.24
CA VAL C 185 -5.74 5.84 1.32
C VAL C 185 -5.47 5.35 -0.10
N LEU C 186 -4.52 4.44 -0.24
CA LEU C 186 -4.19 3.84 -1.52
C LEU C 186 -4.42 2.34 -1.43
N GLN C 187 -5.44 1.86 -2.13
CA GLN C 187 -5.78 0.44 -2.11
C GLN C 187 -4.84 -0.35 -3.01
N SER C 188 -4.73 -1.64 -2.73
CA SER C 188 -3.93 -2.52 -3.56
C SER C 188 -4.37 -2.50 -5.02
N SER C 189 -5.61 -2.07 -5.29
CA SER C 189 -6.08 -1.94 -6.66
C SER C 189 -5.39 -0.81 -7.39
N GLY C 190 -4.72 0.08 -6.68
CA GLY C 190 -4.09 1.23 -7.29
C GLY C 190 -4.95 2.47 -7.30
N LEU C 191 -6.10 2.42 -6.64
CA LEU C 191 -7.05 3.53 -6.59
C LEU C 191 -7.07 4.14 -5.20
N TYR C 192 -7.14 5.47 -5.18
CA TYR C 192 -7.23 6.23 -3.95
C TYR C 192 -8.68 6.43 -3.54
N SER C 193 -8.89 6.54 -2.23
CA SER C 193 -10.10 7.12 -1.68
C SER C 193 -9.68 8.06 -0.56
N LEU C 194 -10.51 9.08 -0.33
CA LEU C 194 -10.38 9.94 0.84
C LEU C 194 -11.77 10.31 1.30
N SER C 195 -11.86 10.86 2.50
CA SER C 195 -13.11 11.37 3.03
C SER C 195 -12.92 12.80 3.56
N SER C 196 -13.96 13.60 3.41
CA SER C 196 -14.01 14.95 3.97
C SER C 196 -15.22 15.03 4.88
N VAL C 197 -15.02 15.52 6.09
CA VAL C 197 -16.11 15.57 7.06
C VAL C 197 -16.23 16.97 7.62
N VAL C 198 -17.46 17.38 7.92
CA VAL C 198 -17.69 18.60 8.65
C VAL C 198 -18.58 18.26 9.84
N THR C 199 -18.15 18.68 11.01
CA THR C 199 -18.91 18.51 12.24
C THR C 199 -19.76 19.75 12.46
N VAL C 200 -21.07 19.58 12.45
CA VAL C 200 -21.97 20.71 12.51
C VAL C 200 -22.87 20.54 13.73
N PRO C 201 -23.45 21.62 14.24
CA PRO C 201 -24.41 21.48 15.34
C PRO C 201 -25.66 20.74 14.88
N SER C 202 -26.15 19.85 15.73
CA SER C 202 -27.33 19.05 15.40
C SER C 202 -28.50 19.92 14.95
N SER C 203 -28.67 21.09 15.55
CA SER C 203 -29.78 21.98 15.18
C SER C 203 -29.70 22.37 13.71
N SER C 204 -28.50 22.65 13.19
CA SER C 204 -28.34 23.17 11.84
C SER C 204 -28.78 22.18 10.76
N LEU C 205 -29.04 20.92 11.11
CA LEU C 205 -29.44 19.94 10.10
C LEU C 205 -30.76 20.31 9.44
N GLY C 206 -31.65 21.00 10.14
CA GLY C 206 -32.88 21.42 9.53
C GLY C 206 -32.73 22.76 8.86
N THR C 207 -31.90 23.63 9.45
CA THR C 207 -31.72 24.98 8.92
C THR C 207 -30.89 24.96 7.65
N GLN C 208 -29.77 24.24 7.66
CA GLN C 208 -28.74 24.39 6.65
C GLN C 208 -28.69 23.14 5.76
N THR C 209 -28.45 23.35 4.48
CA THR C 209 -28.14 22.25 3.58
C THR C 209 -26.63 22.15 3.46
N TYR C 210 -26.13 20.93 3.36
CA TYR C 210 -24.69 20.68 3.31
C TYR C 210 -24.35 19.99 1.99
N VAL C 211 -23.38 20.55 1.29
CA VAL C 211 -22.97 20.08 -0.03
C VAL C 211 -21.45 20.00 -0.04
N CYS C 212 -20.91 18.87 -0.48
CA CYS C 212 -19.47 18.79 -0.64
C CYS C 212 -19.15 19.01 -2.11
N ASN C 213 -18.15 19.83 -2.38
CA ASN C 213 -17.73 20.13 -3.76
C ASN C 213 -16.40 19.42 -3.99
N VAL C 214 -16.43 18.41 -4.85
CA VAL C 214 -15.28 17.57 -5.12
C VAL C 214 -14.78 17.88 -6.51
N ASN C 215 -13.48 18.13 -6.64
CA ASN C 215 -12.88 18.37 -7.94
C ASN C 215 -11.69 17.44 -8.10
N HIS C 216 -11.79 16.51 -9.04
CA HIS C 216 -10.67 15.67 -9.48
C HIS C 216 -10.34 16.07 -10.92
N LYS C 217 -9.42 17.02 -11.06
CA LYS C 217 -9.12 17.57 -12.38
C LYS C 217 -8.60 16.56 -13.41
N PRO C 218 -7.74 15.59 -13.08
CA PRO C 218 -7.18 14.74 -14.15
C PRO C 218 -8.25 13.96 -14.92
N SER C 219 -9.38 13.70 -14.30
CA SER C 219 -10.46 12.94 -14.93
C SER C 219 -11.60 13.83 -15.39
N ASN C 220 -11.47 15.14 -15.19
CA ASN C 220 -12.58 16.07 -15.52
C ASN C 220 -13.81 15.66 -14.71
N THR C 221 -13.66 15.59 -13.39
CA THR C 221 -14.77 15.20 -12.51
C THR C 221 -14.99 16.28 -11.47
N LYS C 222 -16.07 17.05 -11.61
CA LYS C 222 -16.45 18.06 -10.64
C LYS C 222 -17.85 17.73 -10.15
N VAL C 223 -17.95 17.29 -8.90
CA VAL C 223 -19.21 16.77 -8.36
C VAL C 223 -19.58 17.58 -7.13
N ASP C 224 -20.84 18.01 -7.06
CA ASP C 224 -21.40 18.66 -5.85
C ASP C 224 -22.46 17.72 -5.27
N LYS C 225 -22.20 17.12 -4.12
CA LYS C 225 -23.15 16.14 -3.55
C LYS C 225 -23.82 16.66 -2.28
N ARG C 226 -25.15 16.68 -2.26
CA ARG C 226 -25.90 17.12 -1.06
C ARG C 226 -25.84 15.97 -0.06
N VAL C 227 -25.50 16.24 1.20
CA VAL C 227 -25.44 15.18 2.25
C VAL C 227 -26.70 15.33 3.11
N GLU C 228 -27.53 14.29 3.17
CA GLU C 228 -28.82 14.35 3.92
C GLU C 228 -28.84 13.33 5.05
N ILE C 229 -29.75 13.55 6.00
CA ILE C 229 -29.86 12.68 7.17
C ILE C 229 -30.85 11.55 6.92
N GLN D 1 31.22 11.22 -5.75
CA GLN D 1 30.62 12.51 -6.05
C GLN D 1 30.17 13.19 -4.76
N PRO D 2 30.27 14.51 -4.71
CA PRO D 2 30.01 15.20 -3.45
C PRO D 2 28.56 15.08 -3.03
N VAL D 3 28.34 14.91 -1.73
CA VAL D 3 27.01 14.88 -1.15
C VAL D 3 27.03 15.63 0.18
N LEU D 4 25.88 16.19 0.55
CA LEU D 4 25.65 16.75 1.87
C LEU D 4 24.94 15.71 2.73
N THR D 5 25.42 15.55 3.97
CA THR D 5 24.89 14.59 4.92
C THR D 5 24.19 15.32 6.05
N GLN D 6 22.95 14.93 6.34
CA GLN D 6 22.19 15.49 7.45
C GLN D 6 21.62 14.38 8.31
N PRO D 7 21.61 14.55 9.64
CA PRO D 7 20.91 13.60 10.50
C PRO D 7 19.45 13.50 10.11
N THR D 8 18.96 12.27 9.88
CA THR D 8 17.59 12.13 9.37
C THR D 8 16.57 12.70 10.37
N SER D 9 16.81 12.48 11.66
CA SER D 9 15.88 12.86 12.72
C SER D 9 16.62 13.48 13.89
N LEU D 10 15.95 14.40 14.57
CA LEU D 10 16.51 15.03 15.74
C LEU D 10 15.36 15.36 16.66
N SER D 11 15.52 15.04 17.94
CA SER D 11 14.52 15.31 18.96
C SER D 11 15.13 16.16 20.06
N ALA D 12 14.37 17.13 20.55
CA ALA D 12 14.87 17.98 21.61
C ALA D 12 13.70 18.55 22.40
N SER D 13 14.02 19.03 23.63
CA SER D 13 13.07 19.58 24.58
C SER D 13 12.88 21.07 24.35
N PRO D 14 11.67 21.58 24.64
CA PRO D 14 11.42 23.01 24.43
C PRO D 14 12.39 23.87 25.23
N GLY D 15 12.84 24.96 24.61
CA GLY D 15 13.74 25.90 25.24
C GLY D 15 15.20 25.53 25.17
N ALA D 16 15.55 24.41 24.55
CA ALA D 16 16.92 23.98 24.45
C ALA D 16 17.60 24.60 23.24
N SER D 17 18.90 24.35 23.12
CA SER D 17 19.70 24.79 21.98
C SER D 17 20.10 23.56 21.16
N VAL D 18 19.70 23.54 19.89
CA VAL D 18 19.99 22.42 18.99
C VAL D 18 21.00 22.85 17.95
N ARG D 19 21.77 21.87 17.47
CA ARG D 19 22.76 22.07 16.41
C ARG D 19 22.43 21.08 15.29
N LEU D 20 21.84 21.58 14.21
CA LEU D 20 21.56 20.75 13.04
C LEU D 20 22.77 20.79 12.10
N SER D 21 23.38 19.65 11.86
CA SER D 21 24.63 19.60 11.11
C SER D 21 24.40 19.19 9.66
N CYS D 22 25.20 19.80 8.78
CA CYS D 22 25.18 19.57 7.34
C CYS D 22 26.62 19.22 6.97
N THR D 23 26.96 17.93 7.00
CA THR D 23 28.34 17.53 6.81
C THR D 23 28.64 17.40 5.33
N LEU D 24 29.70 18.07 4.89
CA LEU D 24 30.12 17.97 3.51
C LEU D 24 31.02 16.75 3.33
N SER D 25 30.93 16.11 2.17
CA SER D 25 31.69 14.89 1.95
C SER D 25 33.19 15.21 1.83
N SER D 26 33.98 14.15 1.60
CA SER D 26 35.43 14.23 1.75
C SER D 26 36.06 15.27 0.82
N GLY D 27 35.65 15.28 -0.44
CA GLY D 27 36.37 16.03 -1.45
C GLY D 27 36.25 17.53 -1.42
N ILE D 28 35.54 18.12 -0.46
CA ILE D 28 35.33 19.56 -0.41
C ILE D 28 35.53 20.06 1.02
N ASN D 29 35.88 21.34 1.14
CA ASN D 29 36.04 22.00 2.43
C ASN D 29 34.87 22.95 2.67
N VAL D 30 34.25 22.84 3.86
CA VAL D 30 33.11 23.68 4.21
C VAL D 30 33.47 25.16 4.21
N GLY D 31 34.75 25.50 4.41
CA GLY D 31 35.15 26.90 4.40
C GLY D 31 35.05 27.58 3.04
N SER D 32 34.75 26.84 1.97
CA SER D 32 34.73 27.40 0.61
C SER D 32 33.32 27.48 0.04
N TYR D 33 32.29 27.26 0.85
CA TYR D 33 30.92 27.26 0.34
C TYR D 33 30.02 28.05 1.29
N SER D 34 29.02 28.70 0.71
CA SER D 34 27.93 29.25 1.50
C SER D 34 26.92 28.15 1.77
N ILE D 35 26.50 28.02 3.02
CA ILE D 35 25.54 27.02 3.45
C ILE D 35 24.19 27.69 3.59
N PHE D 36 23.23 27.23 2.79
CA PHE D 36 21.85 27.72 2.81
C PHE D 36 20.95 26.74 3.54
N TRP D 37 20.05 27.26 4.36
CA TRP D 37 19.13 26.46 5.16
C TRP D 37 17.70 26.78 4.76
N TYR D 38 16.89 25.73 4.67
CA TYR D 38 15.50 25.83 4.24
C TYR D 38 14.63 25.05 5.21
N GLN D 39 13.45 25.60 5.49
CA GLN D 39 12.52 25.05 6.46
C GLN D 39 11.24 24.67 5.76
N GLN D 40 10.69 23.51 6.10
CA GLN D 40 9.47 23.02 5.48
C GLN D 40 8.58 22.46 6.57
N LYS D 41 7.42 23.03 6.72
CA LYS D 41 6.38 22.55 7.62
C LYS D 41 5.32 21.79 6.82
N PRO D 42 4.54 20.94 7.48
CA PRO D 42 3.66 20.04 6.72
C PRO D 42 2.69 20.79 5.81
N GLY D 43 2.48 20.24 4.61
CA GLY D 43 1.54 20.78 3.67
C GLY D 43 1.94 22.10 3.06
N SER D 44 3.17 22.53 3.28
CA SER D 44 3.64 23.81 2.81
C SER D 44 4.90 23.63 1.98
N PRO D 45 5.16 24.53 1.04
CA PRO D 45 6.46 24.53 0.38
C PRO D 45 7.55 24.92 1.34
N PRO D 46 8.80 24.55 1.07
CA PRO D 46 9.93 25.07 1.85
C PRO D 46 10.02 26.58 1.73
N ARG D 47 10.79 27.17 2.66
CA ARG D 47 11.09 28.58 2.62
C ARG D 47 12.52 28.81 3.09
N TYR D 48 13.15 29.85 2.54
CA TYR D 48 14.50 30.20 2.89
C TYR D 48 14.58 30.70 4.34
N LEU D 49 15.49 30.11 5.12
CA LEU D 49 15.77 30.55 6.50
C LEU D 49 16.88 31.60 6.54
N LEU D 50 18.09 31.17 6.18
CA LEU D 50 19.29 32.00 6.28
C LEU D 50 20.37 31.34 5.44
N PHE D 51 21.46 32.06 5.25
CA PHE D 51 22.68 31.46 4.73
C PHE D 51 23.85 31.96 5.56
N TYR D 52 24.89 31.13 5.66
CA TYR D 52 26.07 31.46 6.45
C TYR D 52 27.30 31.02 5.68
N PHE D 53 28.17 31.98 5.36
CA PHE D 53 29.50 31.70 4.83
C PHE D 53 30.59 31.98 5.84
N SER D 54 30.45 33.09 6.58
CA SER D 54 31.35 33.45 7.66
C SER D 54 30.62 34.48 8.51
N ASP D 55 31.25 34.90 9.61
CA ASP D 55 30.65 35.93 10.43
C ASP D 55 30.56 37.26 9.70
N SER D 56 31.31 37.43 8.60
CA SER D 56 31.27 38.66 7.81
C SER D 56 30.25 38.58 6.69
N SER D 57 30.04 37.40 6.11
CA SER D 57 29.17 37.20 4.95
C SER D 57 28.10 36.18 5.34
N LYS D 58 26.97 36.69 5.81
CA LYS D 58 25.84 35.88 6.20
C LYS D 58 24.59 36.70 5.98
N HIS D 59 23.43 36.03 6.02
CA HIS D 59 22.16 36.69 5.82
C HIS D 59 21.07 35.96 6.59
N GLN D 60 20.19 36.74 7.21
CA GLN D 60 19.03 36.26 7.94
C GLN D 60 17.79 36.58 7.12
N GLY D 61 17.01 35.55 6.80
CA GLY D 61 15.83 35.72 5.97
C GLY D 61 14.83 36.71 6.54
N SER D 62 13.83 37.01 5.73
CA SER D 62 12.77 37.93 6.11
C SER D 62 11.89 37.31 7.19
N GLY D 63 11.83 37.96 8.35
CA GLY D 63 10.95 37.53 9.41
C GLY D 63 11.37 36.30 10.18
N VAL D 64 12.50 35.69 9.85
CA VAL D 64 12.96 34.52 10.61
C VAL D 64 13.54 34.99 11.95
N PRO D 65 13.12 34.39 13.07
CA PRO D 65 13.53 34.91 14.39
C PRO D 65 15.02 34.78 14.62
N SER D 66 15.52 35.65 15.51
CA SER D 66 16.94 35.72 15.80
C SER D 66 17.48 34.39 16.32
N ARG D 67 16.65 33.62 17.04
CA ARG D 67 17.10 32.36 17.61
C ARG D 67 17.52 31.35 16.53
N PHE D 68 17.24 31.62 15.26
CA PHE D 68 17.79 30.84 14.16
C PHE D 68 19.07 31.49 13.68
N SER D 69 20.19 30.76 13.76
CA SER D 69 21.47 31.30 13.34
C SER D 69 22.24 30.21 12.59
N GLY D 70 23.13 30.66 11.72
CA GLY D 70 24.01 29.76 10.98
C GLY D 70 25.41 29.79 11.54
N SER D 71 26.13 28.69 11.39
CA SER D 71 27.52 28.60 11.82
C SER D 71 28.17 27.44 11.08
N LYS D 72 29.40 27.12 11.45
CA LYS D 72 30.19 26.11 10.74
C LYS D 72 31.03 25.35 11.76
N ASP D 73 31.65 24.28 11.28
CA ASP D 73 32.53 23.47 12.12
C ASP D 73 33.56 22.83 11.18
N THR D 74 34.69 23.51 11.02
CA THR D 74 35.71 23.01 10.11
C THR D 74 36.30 21.69 10.58
N SER D 75 36.22 21.40 11.88
CA SER D 75 36.69 20.12 12.38
C SER D 75 35.86 18.97 11.81
N ALA D 76 34.54 19.13 11.79
CA ALA D 76 33.65 18.13 11.22
C ALA D 76 33.31 18.40 9.76
N ASN D 77 33.88 19.46 9.17
CA ASN D 77 33.60 19.83 7.77
C ASN D 77 32.10 20.04 7.57
N ALA D 78 31.48 20.75 8.51
CA ALA D 78 30.02 20.79 8.59
C ALA D 78 29.50 22.20 8.70
N GLY D 79 28.44 22.48 7.96
CA GLY D 79 27.63 23.66 8.23
C GLY D 79 26.64 23.38 9.35
N LEU D 80 26.26 24.44 10.06
CA LEU D 80 25.43 24.29 11.25
C LEU D 80 24.23 25.21 11.17
N LEU D 81 23.06 24.69 11.53
CA LEU D 81 21.89 25.50 11.84
C LEU D 81 21.60 25.32 13.32
N LEU D 82 21.74 26.41 14.07
CA LEU D 82 21.51 26.40 15.51
C LEU D 82 20.20 27.11 15.82
N ILE D 83 19.45 26.55 16.76
CA ILE D 83 18.20 27.12 17.23
C ILE D 83 18.27 27.12 18.75
N SER D 84 18.25 28.31 19.34
CA SER D 84 18.20 28.44 20.78
C SER D 84 16.74 28.65 21.20
N GLY D 85 16.45 28.31 22.45
CA GLY D 85 15.08 28.42 22.95
C GLY D 85 14.07 27.73 22.06
N LEU D 86 14.33 26.47 21.73
CA LEU D 86 13.50 25.72 20.81
C LEU D 86 12.03 25.74 21.24
N GLN D 87 11.15 26.00 20.28
CA GLN D 87 9.71 26.09 20.51
C GLN D 87 8.99 24.96 19.80
N SER D 88 7.74 24.73 20.19
CA SER D 88 6.93 23.69 19.55
C SER D 88 6.71 23.98 18.07
N GLU D 89 6.63 25.26 17.70
CA GLU D 89 6.36 25.67 16.33
C GLU D 89 7.58 25.54 15.43
N ASP D 90 8.76 25.30 15.99
CA ASP D 90 9.96 25.05 15.21
C ASP D 90 10.00 23.64 14.64
N GLU D 91 8.98 22.82 14.90
CA GLU D 91 8.93 21.48 14.35
C GLU D 91 8.72 21.56 12.85
N ALA D 92 9.65 20.94 12.09
CA ALA D 92 9.71 21.07 10.64
C ALA D 92 10.83 20.17 10.15
N ASP D 93 10.92 20.04 8.83
CA ASP D 93 12.07 19.42 8.17
C ASP D 93 13.03 20.52 7.74
N TYR D 94 14.33 20.33 7.98
CA TYR D 94 15.33 21.36 7.71
C TYR D 94 16.32 20.83 6.68
N TYR D 95 16.48 21.57 5.59
CA TYR D 95 17.35 21.14 4.50
C TYR D 95 18.51 22.12 4.38
N CYS D 96 19.71 21.59 4.16
CA CYS D 96 20.86 22.42 3.83
C CYS D 96 21.21 22.29 2.35
N ALA D 97 21.90 23.30 1.83
CA ALA D 97 22.17 23.34 0.40
C ALA D 97 23.46 24.11 0.13
N ILE D 98 24.21 23.65 -0.87
CA ILE D 98 25.36 24.37 -1.42
C ILE D 98 25.30 24.29 -2.94
N TRP D 99 26.06 25.16 -3.60
CA TRP D 99 26.27 25.09 -5.03
C TRP D 99 27.69 24.58 -5.29
N HIS D 100 27.79 23.41 -5.93
CA HIS D 100 29.10 22.91 -6.34
C HIS D 100 29.34 23.28 -7.80
N SER D 101 30.59 23.61 -8.12
CA SER D 101 30.92 24.17 -9.44
C SER D 101 30.59 23.19 -10.55
N SER D 102 30.81 21.91 -10.29
CA SER D 102 30.51 20.85 -11.29
C SER D 102 29.28 20.01 -10.93
N ALA D 103 29.03 19.71 -9.66
CA ALA D 103 27.88 18.84 -9.29
C ALA D 103 26.60 19.65 -9.08
N SER D 104 26.64 20.95 -9.26
CA SER D 104 25.51 21.90 -9.15
C SER D 104 24.90 22.03 -7.76
N VAL D 105 23.60 22.22 -7.71
CA VAL D 105 22.92 22.42 -6.40
C VAL D 105 22.84 21.09 -5.64
N LEU D 106 23.50 21.03 -4.52
CA LEU D 106 23.49 19.83 -3.69
C LEU D 106 22.58 20.08 -2.50
N PHE D 107 21.68 19.16 -2.24
CA PHE D 107 20.76 19.24 -1.12
C PHE D 107 21.13 18.18 -0.09
N GLY D 108 21.07 18.55 1.19
CA GLY D 108 21.12 17.56 2.24
C GLY D 108 19.84 16.74 2.28
N GLY D 109 19.88 15.61 2.98
CA GLY D 109 18.73 14.74 3.01
C GLY D 109 17.58 15.26 3.84
N GLY D 110 17.84 16.29 4.64
CA GLY D 110 16.80 16.86 5.48
C GLY D 110 16.82 16.28 6.87
N THR D 111 16.52 17.11 7.87
CA THR D 111 16.44 16.69 9.25
C THR D 111 15.03 16.97 9.75
N ARG D 112 14.32 15.92 10.16
CA ARG D 112 13.02 16.08 10.79
C ARG D 112 13.26 16.40 12.25
N LEU D 113 12.83 17.57 12.69
CA LEU D 113 13.06 18.01 14.05
C LEU D 113 11.78 17.84 14.85
N THR D 114 11.86 17.08 15.93
CA THR D 114 10.73 16.85 16.81
C THR D 114 10.98 17.56 18.14
N VAL D 115 9.94 18.21 18.66
CA VAL D 115 10.01 18.89 19.94
C VAL D 115 9.30 18.02 20.97
N LEU D 116 10.04 17.56 21.98
CA LEU D 116 9.48 16.69 22.99
C LEU D 116 8.63 17.48 23.99
N GLY D 117 7.96 16.76 24.89
CA GLY D 117 7.18 17.37 25.95
C GLY D 117 5.78 17.81 25.57
N GLN D 118 5.36 17.59 24.33
CA GLN D 118 4.02 17.99 23.94
C GLN D 118 3.00 17.05 24.57
N PRO D 119 1.84 17.57 24.97
CA PRO D 119 0.87 16.76 25.70
C PRO D 119 0.29 15.63 24.87
N LYS D 120 0.06 14.50 25.51
CA LYS D 120 -0.65 13.40 24.89
C LYS D 120 -2.11 13.75 24.71
N ALA D 121 -2.67 13.34 23.57
CA ALA D 121 -4.07 13.58 23.24
C ALA D 121 -4.69 12.28 22.73
N ALA D 122 -5.78 11.87 23.36
CA ALA D 122 -6.49 10.69 22.90
C ALA D 122 -7.23 10.98 21.59
N PRO D 123 -7.35 10.00 20.70
CA PRO D 123 -8.01 10.24 19.42
C PRO D 123 -9.53 10.25 19.53
N SER D 124 -10.16 11.13 18.76
CA SER D 124 -11.58 11.03 18.46
C SER D 124 -11.78 10.09 17.27
N VAL D 125 -12.81 9.26 17.36
CA VAL D 125 -13.11 8.24 16.35
C VAL D 125 -14.55 8.44 15.89
N THR D 126 -14.74 8.56 14.58
CA THR D 126 -16.05 8.60 13.96
C THR D 126 -16.12 7.47 12.93
N LEU D 127 -17.18 6.66 12.99
CA LEU D 127 -17.36 5.51 12.11
C LEU D 127 -18.63 5.68 11.29
N PHE D 128 -18.50 5.70 9.95
CA PHE D 128 -19.63 5.82 9.04
C PHE D 128 -20.04 4.46 8.49
N PRO D 129 -21.33 4.17 8.44
CA PRO D 129 -21.79 2.99 7.70
C PRO D 129 -21.75 3.29 6.22
N PRO D 130 -21.87 2.28 5.36
CA PRO D 130 -21.93 2.56 3.92
C PRO D 130 -23.20 3.33 3.58
N SER D 131 -23.10 4.17 2.55
CA SER D 131 -24.26 4.90 2.07
C SER D 131 -25.26 3.94 1.42
N SER D 132 -26.50 4.42 1.27
CA SER D 132 -27.47 3.68 0.48
C SER D 132 -27.05 3.61 -0.99
N GLU D 133 -26.40 4.67 -1.46
CA GLU D 133 -25.96 4.72 -2.89
C GLU D 133 -24.96 3.59 -3.13
N GLU D 134 -23.98 3.44 -2.23
CA GLU D 134 -22.94 2.44 -2.44
C GLU D 134 -23.53 1.02 -2.39
N LEU D 135 -24.47 0.78 -1.47
CA LEU D 135 -25.09 -0.53 -1.35
C LEU D 135 -25.87 -0.89 -2.61
N GLN D 136 -26.52 0.11 -3.23
CA GLN D 136 -27.21 -0.13 -4.48
C GLN D 136 -26.24 -0.45 -5.62
N ALA D 137 -24.96 -0.16 -5.43
CA ALA D 137 -23.92 -0.65 -6.32
C ALA D 137 -23.29 -1.95 -5.82
N ASN D 138 -23.93 -2.63 -4.87
CA ASN D 138 -23.47 -3.90 -4.29
C ASN D 138 -22.13 -3.78 -3.57
N LYS D 139 -21.86 -2.63 -2.96
CA LYS D 139 -20.63 -2.41 -2.22
C LYS D 139 -20.93 -1.74 -0.89
N ALA D 140 -20.04 -1.95 0.08
CA ALA D 140 -20.19 -1.37 1.41
C ALA D 140 -18.81 -1.02 1.95
N THR D 141 -18.48 0.27 1.97
CA THR D 141 -17.23 0.75 2.52
C THR D 141 -17.48 1.40 3.86
N LEU D 142 -16.87 0.86 4.90
CA LEU D 142 -16.96 1.43 6.24
C LEU D 142 -15.75 2.34 6.44
N VAL D 143 -16.02 3.55 6.93
CA VAL D 143 -15.01 4.59 7.03
C VAL D 143 -14.77 4.89 8.50
N CYS D 144 -13.56 4.66 8.95
CA CYS D 144 -13.17 4.98 10.32
C CYS D 144 -12.22 6.19 10.28
N LEU D 145 -12.68 7.31 10.84
CA LEU D 145 -11.90 8.55 10.84
C LEU D 145 -11.34 8.83 12.24
N ILE D 146 -10.03 9.03 12.32
CA ILE D 146 -9.30 9.11 13.59
C ILE D 146 -8.54 10.44 13.64
N SER D 147 -8.82 11.26 14.66
CA SER D 147 -8.23 12.59 14.63
C SER D 147 -7.85 13.09 16.03
N ASP D 148 -7.03 14.13 16.04
CA ASP D 148 -6.67 14.87 17.26
C ASP D 148 -5.93 14.00 18.27
N PHE D 149 -5.06 13.11 17.78
CA PHE D 149 -4.25 12.30 18.67
C PHE D 149 -2.77 12.66 18.56
N TYR D 150 -2.05 12.31 19.60
CA TYR D 150 -0.63 12.58 19.72
C TYR D 150 -0.09 11.71 20.85
N PRO D 151 1.03 11.00 20.65
CA PRO D 151 1.87 11.06 19.45
C PRO D 151 1.24 10.38 18.23
N GLY D 152 1.90 10.53 17.07
CA GLY D 152 1.32 10.08 15.81
C GLY D 152 1.53 8.60 15.57
N ALA D 153 0.86 7.76 16.34
CA ALA D 153 0.98 6.33 16.14
C ALA D 153 -0.25 5.66 16.73
N VAL D 154 -1.03 5.00 15.90
CA VAL D 154 -2.19 4.24 16.36
C VAL D 154 -2.17 2.87 15.72
N GLU D 155 -2.93 1.96 16.33
CA GLU D 155 -3.23 0.67 15.75
C GLU D 155 -4.74 0.60 15.52
N VAL D 156 -5.14 0.08 14.36
CA VAL D 156 -6.55 -0.01 14.01
C VAL D 156 -6.89 -1.46 13.75
N ALA D 157 -7.91 -1.95 14.44
CA ALA D 157 -8.41 -3.31 14.27
C ALA D 157 -9.91 -3.26 14.02
N TRP D 158 -10.39 -4.13 13.13
CA TRP D 158 -11.81 -4.17 12.82
C TRP D 158 -12.42 -5.49 13.30
N LYS D 159 -13.67 -5.41 13.74
CA LYS D 159 -14.43 -6.59 14.22
C LYS D 159 -15.77 -6.69 13.48
N ALA D 160 -16.25 -7.92 13.28
CA ALA D 160 -17.58 -8.26 12.73
C ALA D 160 -18.27 -9.07 13.84
N ASP D 161 -19.35 -8.55 14.41
CA ASP D 161 -20.03 -9.21 15.57
C ASP D 161 -19.04 -9.50 16.70
N GLY D 162 -18.11 -8.61 17.01
CA GLY D 162 -17.12 -8.82 18.07
C GLY D 162 -15.92 -9.69 17.68
N SER D 163 -15.92 -10.29 16.50
CA SER D 163 -14.85 -11.21 16.04
C SER D 163 -13.92 -10.50 15.06
N ALA D 164 -12.62 -10.72 15.18
CA ALA D 164 -11.63 -9.99 14.37
C ALA D 164 -11.80 -10.24 12.87
N VAL D 165 -11.82 -9.15 12.12
CA VAL D 165 -11.90 -9.17 10.63
C VAL D 165 -10.47 -9.45 10.14
N ASN D 166 -10.33 -10.28 9.13
CA ASN D 166 -9.03 -10.72 8.64
C ASN D 166 -8.69 -10.24 7.23
N ALA D 167 -9.51 -9.39 6.62
CA ALA D 167 -9.20 -8.92 5.28
C ALA D 167 -10.07 -7.71 4.96
N GLY D 168 -9.67 -6.98 3.93
CA GLY D 168 -10.39 -5.79 3.51
C GLY D 168 -10.13 -4.52 4.28
N VAL D 169 -9.05 -4.45 5.05
CA VAL D 169 -8.72 -3.27 5.84
C VAL D 169 -7.54 -2.55 5.19
N GLU D 170 -7.65 -1.23 5.05
CA GLU D 170 -6.54 -0.41 4.57
C GLU D 170 -6.51 0.84 5.44
N THR D 171 -5.39 1.08 6.10
CA THR D 171 -5.28 2.17 7.05
C THR D 171 -4.16 3.08 6.62
N THR D 172 -4.40 4.38 6.71
CA THR D 172 -3.39 5.34 6.31
C THR D 172 -2.39 5.57 7.43
N LYS D 173 -1.24 6.10 7.03
CA LYS D 173 -0.28 6.62 8.00
C LYS D 173 -0.83 7.89 8.64
N PRO D 174 -0.53 8.11 9.92
CA PRO D 174 -0.96 9.37 10.56
C PRO D 174 -0.26 10.57 9.94
N SER D 175 -1.03 11.59 9.60
CA SER D 175 -0.55 12.89 9.13
C SER D 175 -0.78 13.95 10.19
N LYS D 176 0.02 15.01 10.16
CA LYS D 176 -0.08 16.08 11.15
C LYS D 176 -1.15 17.09 10.72
N GLN D 177 -2.01 17.44 11.66
CA GLN D 177 -3.09 18.38 11.41
C GLN D 177 -2.61 19.82 11.59
N SER D 178 -3.55 20.77 11.51
CA SER D 178 -3.25 22.16 11.78
C SER D 178 -2.91 22.41 13.24
N ASN D 179 -3.55 21.66 14.15
CA ASN D 179 -3.44 21.88 15.59
C ASN D 179 -2.36 21.03 16.22
N ASN D 180 -1.30 20.69 15.47
CA ASN D 180 -0.13 19.97 15.96
C ASN D 180 -0.41 18.48 16.16
N LYS D 181 -1.68 18.09 16.22
CA LYS D 181 -2.01 16.70 16.48
C LYS D 181 -2.03 15.91 15.16
N TYR D 182 -2.45 14.65 15.23
CA TYR D 182 -2.33 13.74 14.10
C TYR D 182 -3.70 13.23 13.68
N ALA D 183 -3.81 12.90 12.39
CA ALA D 183 -5.04 12.35 11.85
C ALA D 183 -4.71 11.10 11.04
N ALA D 184 -5.64 10.17 11.01
CA ALA D 184 -5.50 9.00 10.14
C ALA D 184 -6.89 8.47 9.82
N SER D 185 -6.94 7.52 8.91
CA SER D 185 -8.22 6.93 8.58
C SER D 185 -8.02 5.47 8.18
N SER D 186 -9.09 4.68 8.34
CA SER D 186 -9.04 3.27 8.02
C SER D 186 -10.34 2.90 7.33
N TYR D 187 -10.24 2.09 6.28
CA TYR D 187 -11.39 1.71 5.47
C TYR D 187 -11.55 0.20 5.51
N LEU D 188 -12.76 -0.26 5.82
CA LEU D 188 -13.12 -1.66 5.69
C LEU D 188 -14.03 -1.77 4.47
N SER D 189 -13.55 -2.43 3.43
CA SER D 189 -14.26 -2.49 2.16
C SER D 189 -14.92 -3.85 1.99
N LEU D 190 -16.25 -3.87 1.93
CA LEU D 190 -17.03 -5.11 1.84
C LEU D 190 -17.91 -5.10 0.58
N THR D 191 -18.57 -6.24 0.31
CA THR D 191 -19.71 -6.25 -0.59
C THR D 191 -20.97 -5.86 0.18
N SER D 192 -22.04 -5.58 -0.57
CA SER D 192 -23.37 -5.44 0.05
C SER D 192 -23.72 -6.68 0.87
N ASP D 193 -23.48 -7.87 0.30
CA ASP D 193 -23.87 -9.11 0.97
C ASP D 193 -23.12 -9.29 2.29
N GLN D 194 -21.81 -9.06 2.28
CA GLN D 194 -21.03 -9.24 3.51
C GLN D 194 -21.49 -8.28 4.59
N TRP D 195 -21.72 -7.02 4.21
CA TRP D 195 -22.28 -6.04 5.13
C TRP D 195 -23.59 -6.53 5.71
N LYS D 196 -24.46 -7.10 4.88
CA LYS D 196 -25.74 -7.54 5.44
C LYS D 196 -25.60 -8.80 6.28
N SER D 197 -24.46 -9.47 6.21
CA SER D 197 -24.34 -10.79 6.82
C SER D 197 -23.97 -10.76 8.30
N HIS D 198 -23.63 -9.61 8.86
CA HIS D 198 -23.31 -9.56 10.28
C HIS D 198 -24.24 -8.58 10.99
N LYS D 199 -24.33 -8.73 12.31
CA LYS D 199 -25.18 -7.86 13.10
C LYS D 199 -24.49 -6.56 13.47
N SER D 200 -23.16 -6.51 13.41
CA SER D 200 -22.47 -5.27 13.72
C SER D 200 -21.07 -5.31 13.13
N TYR D 201 -20.54 -4.12 12.89
CA TYR D 201 -19.13 -3.95 12.60
C TYR D 201 -18.56 -2.90 13.54
N SER D 202 -17.27 -3.02 13.84
CA SER D 202 -16.64 -2.24 14.88
C SER D 202 -15.25 -1.83 14.44
N CYS D 203 -14.94 -0.54 14.61
CA CYS D 203 -13.60 0.00 14.37
C CYS D 203 -12.93 0.25 15.72
N GLN D 204 -11.79 -0.39 15.94
CA GLN D 204 -11.10 -0.37 17.23
C GLN D 204 -9.78 0.37 17.06
N VAL D 205 -9.61 1.48 17.77
CA VAL D 205 -8.43 2.31 17.64
C VAL D 205 -7.66 2.27 18.95
N THR D 206 -6.38 1.93 18.84
CA THR D 206 -5.54 1.68 20.00
C THR D 206 -4.40 2.70 19.95
N HIS D 207 -4.39 3.60 20.94
CA HIS D 207 -3.36 4.66 21.05
C HIS D 207 -2.78 4.72 22.47
N GLU D 208 -1.48 4.52 22.59
CA GLU D 208 -0.75 4.58 23.89
C GLU D 208 -1.38 3.63 24.91
N GLY D 209 -1.69 2.41 24.50
CA GLY D 209 -2.19 1.39 25.44
C GLY D 209 -3.66 1.49 25.79
N SER D 210 -4.39 2.46 25.20
CA SER D 210 -5.83 2.66 25.47
C SER D 210 -6.62 2.49 24.18
N THR D 211 -7.87 2.05 24.26
CA THR D 211 -8.66 1.71 23.06
C THR D 211 -10.04 2.38 23.06
N VAL D 212 -10.42 3.00 21.94
CA VAL D 212 -11.74 3.53 21.69
C VAL D 212 -12.34 2.71 20.55
N GLU D 213 -13.56 2.23 20.74
CA GLU D 213 -14.22 1.42 19.73
C GLU D 213 -15.52 2.08 19.32
N LYS D 214 -15.77 2.14 18.02
CA LYS D 214 -17.07 2.58 17.51
C LYS D 214 -17.70 1.42 16.74
N THR D 215 -19.02 1.31 16.81
CA THR D 215 -19.73 0.17 16.26
C THR D 215 -20.89 0.62 15.37
N VAL D 216 -21.09 -0.09 14.26
CA VAL D 216 -22.20 0.21 13.38
C VAL D 216 -22.98 -1.07 13.09
N ALA D 217 -24.27 -0.92 12.80
CA ALA D 217 -25.15 -2.08 12.65
C ALA D 217 -25.91 -2.01 11.34
N PRO D 218 -25.86 -3.05 10.51
CA PRO D 218 -26.61 -3.03 9.24
C PRO D 218 -28.09 -2.82 9.40
N ALA D 219 -28.69 -3.28 10.50
CA ALA D 219 -30.11 -3.00 10.71
C ALA D 219 -30.30 -1.59 11.25
N GLU D 220 -29.84 -1.35 12.47
CA GLU D 220 -29.89 -0.03 13.11
C GLU D 220 -31.29 0.60 13.03
C1 GOL E . 19.47 -5.11 -15.21
O1 GOL E . 18.51 -4.32 -14.55
C2 GOL E . 19.17 -6.63 -14.93
O2 GOL E . 19.32 -6.97 -13.60
C3 GOL E . 17.72 -6.91 -15.47
O3 GOL E . 17.38 -8.21 -15.07
C1 GOL F . 12.94 -0.51 -4.60
O1 GOL F . 13.40 -1.77 -4.97
C2 GOL F . 11.49 -0.73 -4.15
O2 GOL F . 10.58 -0.46 -5.17
C3 GOL F . 11.43 -2.18 -3.65
O3 GOL F . 10.10 -2.42 -3.32
C1 GOL G . -10.78 -15.43 4.70
O1 GOL G . -10.12 -14.34 4.12
C2 GOL G . -11.81 -14.82 5.69
O2 GOL G . -13.04 -15.35 5.53
C3 GOL G . -11.23 -15.00 7.16
O3 GOL G . -11.99 -14.21 8.05
C1 GOL H . 3.57 -4.43 9.38
O1 GOL H . 3.84 -5.77 8.97
C2 GOL H . 4.45 -3.97 10.51
O2 GOL H . 5.63 -4.76 10.59
C3 GOL H . 4.77 -2.49 10.47
O3 GOL H . 6.14 -2.19 10.71
C1 GOL I . -21.95 8.79 -8.88
O1 GOL I . -21.84 7.44 -8.57
C2 GOL I . -21.27 9.59 -7.75
O2 GOL I . -20.12 10.21 -8.17
C3 GOL I . -22.34 10.59 -7.25
O3 GOL I . -22.19 11.73 -8.02
C1 GOL J . -12.95 0.03 -1.79
O1 GOL J . -11.87 0.92 -1.72
C2 GOL J . -12.80 -0.83 -3.08
O2 GOL J . -11.63 -1.59 -3.05
C3 GOL J . -14.08 -1.73 -3.14
O3 GOL J . -15.21 -0.93 -3.41
C1 GOL K . -2.13 18.89 -10.47
O1 GOL K . -1.26 17.77 -10.24
C2 GOL K . -2.06 19.43 -11.99
O2 GOL K . -2.87 18.66 -12.83
C3 GOL K . -2.57 20.98 -11.92
O3 GOL K . -1.87 21.82 -12.84
C1 GOL L . 2.74 24.12 12.33
O1 GOL L . 2.54 25.09 11.30
C2 GOL L . 1.56 24.03 13.27
O2 GOL L . 1.67 22.85 14.05
C3 GOL L . 1.42 25.20 14.19
O3 GOL L . 0.06 25.56 14.37
#